data_9PUO
#
_entry.id   9PUO
#
_cell.length_a   51.927
_cell.length_b   48.534
_cell.length_c   124.963
_cell.angle_alpha   90.344
_cell.angle_beta   85.206
_cell.angle_gamma   70.418
#
_symmetry.space_group_name_H-M   'P 1'
#
loop_
_entity.id
_entity.type
_entity.pdbx_description
1 polymer 'Neutralizing antibody Fab fragment, heavy chain'
2 polymer 'Neutralizing antibody Fab fragment, light chain'
3 polymer Leptin
4 non-polymer 'PHOSPHATE ION'
#
loop_
_entity_poly.entity_id
_entity_poly.type
_entity_poly.pdbx_seq_one_letter_code
_entity_poly.pdbx_strand_id
1 'polypeptide(L)'
;QVQLVQSGAEVKKPGSSVKVSCKASGGTFSSYAISWVRQAPGQGLEWMGGIIPIFGTANYAQKFQGRVTITADESTSTAY
MELSSLRSEDTAVYYCARSQVPSSYYYGMDVWGQGTMVTVSSASTKGPSVFPLAPSSKSTSGGTAALGCLVKDYFPEPVT
VSWNSGALTSGVHTFPAVLQSSGLYSLSSVVTVPSSSLGTQTYICNVNHKPSNTKVDKKVEPKSC
;
A,D
2 'polypeptide(L)'
;QSVLTQPPSVSGAPGQRVTISCTGGNSNIGAGYHVHWYQQLPGAAPKLLIYGDTNRPSGVPDRFSGSQSGTSASLAITGL
QADDEADYYCQSYDRSRGGWFFGGGTQLTVLGQPKAAPSVTLFPPSSEELQANKATLVCLVSDFYPGAVTVAWKADGSPV
KVGVETTKPSKQSNNKYAASSYLSLTPEQWKSHRSYSCRVTHEGSTVEKTVAPAECS
;
B,E
3 'polypeptide(L)'
;VPIQKVQDDTKTLIKTIVTRINDISHTQSVSSKQKVTGLDFIPGLHPILTLSKMDQTLAVYQQILTSMPSRNVIQISNDL
ENLRDLLHVLAFSKSCHLPEASGLETLDSLGGVLEASGYSTEVVALSRLQGSLQDMLWQLDLSPGC
;
C,F
#
loop_
_chem_comp.id
_chem_comp.type
_chem_comp.name
_chem_comp.formula
PO4 non-polymer 'PHOSPHATE ION' 'O4 P -3'
#
# COMPACT_ATOMS: atom_id res chain seq x y z
N VAL A 2 -8.97 -23.96 -21.14
CA VAL A 2 -10.16 -24.29 -20.35
C VAL A 2 -11.40 -23.62 -20.94
N GLN A 3 -12.52 -24.33 -20.85
CA GLN A 3 -13.81 -23.81 -21.29
C GLN A 3 -14.87 -24.27 -20.30
N LEU A 4 -15.89 -23.43 -20.14
CA LEU A 4 -17.04 -23.73 -19.30
C LEU A 4 -18.27 -23.83 -20.20
N VAL A 5 -18.90 -24.99 -20.20
CA VAL A 5 -20.05 -25.27 -21.06
C VAL A 5 -21.29 -25.31 -20.19
N GLN A 6 -22.35 -24.65 -20.64
CA GLN A 6 -23.57 -24.53 -19.85
C GLN A 6 -24.71 -25.28 -20.51
N SER A 7 -25.72 -25.58 -19.70
CA SER A 7 -26.90 -26.27 -20.21
C SER A 7 -27.65 -25.37 -21.19
N GLY A 8 -28.69 -25.94 -21.79
CA GLY A 8 -29.46 -25.20 -22.77
C GLY A 8 -30.46 -24.27 -22.14
N ALA A 9 -30.95 -23.34 -22.96
CA ALA A 9 -31.96 -22.39 -22.49
C ALA A 9 -33.18 -23.14 -21.99
N GLU A 10 -33.98 -22.45 -21.17
CA GLU A 10 -35.15 -23.07 -20.58
C GLU A 10 -36.26 -22.04 -20.44
N VAL A 11 -37.48 -22.49 -20.65
CA VAL A 11 -38.68 -21.69 -20.40
C VAL A 11 -39.41 -22.32 -19.23
N LYS A 12 -39.75 -21.51 -18.25
CA LYS A 12 -40.42 -21.96 -17.04
C LYS A 12 -41.58 -21.03 -16.74
N LYS A 13 -42.46 -21.49 -15.86
CA LYS A 13 -43.59 -20.68 -15.44
C LYS A 13 -43.36 -20.12 -14.04
N PRO A 14 -44.05 -19.04 -13.69
CA PRO A 14 -43.92 -18.52 -12.32
C PRO A 14 -44.21 -19.61 -11.29
N GLY A 15 -43.43 -19.59 -10.21
CA GLY A 15 -43.55 -20.55 -9.14
C GLY A 15 -42.65 -21.77 -9.27
N SER A 16 -42.35 -22.17 -10.50
CA SER A 16 -41.52 -23.35 -10.73
C SER A 16 -40.06 -23.01 -10.40
N SER A 17 -39.16 -23.95 -10.67
CA SER A 17 -37.75 -23.78 -10.42
C SER A 17 -36.96 -24.23 -11.64
N VAL A 18 -35.68 -23.84 -11.68
CA VAL A 18 -34.79 -24.18 -12.77
C VAL A 18 -33.43 -24.48 -12.19
N LYS A 19 -32.68 -25.34 -12.88
CA LYS A 19 -31.33 -25.70 -12.45
C LYS A 19 -30.41 -25.66 -13.66
N VAL A 20 -29.44 -24.76 -13.62
CA VAL A 20 -28.50 -24.56 -14.73
C VAL A 20 -27.17 -25.20 -14.36
N SER A 21 -26.54 -25.83 -15.35
CA SER A 21 -25.29 -26.55 -15.15
C SER A 21 -24.12 -25.77 -15.76
N CYS A 22 -22.92 -26.19 -15.39
CA CYS A 22 -21.69 -25.52 -15.82
C CYS A 22 -20.56 -26.56 -15.69
N LYS A 23 -20.32 -27.28 -16.79
CA LYS A 23 -19.32 -28.34 -16.83
C LYS A 23 -18.00 -27.80 -17.36
N ALA A 24 -16.91 -28.39 -16.90
CA ALA A 24 -15.57 -28.01 -17.30
C ALA A 24 -15.16 -28.77 -18.56
N SER A 25 -14.15 -28.24 -19.24
CA SER A 25 -13.63 -28.84 -20.47
C SER A 25 -12.11 -28.80 -20.44
N GLY A 26 -11.53 -29.35 -19.37
CA GLY A 26 -10.09 -29.47 -19.24
C GLY A 26 -9.50 -28.53 -18.21
N GLY A 27 -9.72 -28.81 -16.93
CA GLY A 27 -9.16 -27.97 -15.89
C GLY A 27 -9.36 -28.57 -14.51
N THR A 28 -8.57 -28.08 -13.57
CA THR A 28 -8.68 -28.46 -12.16
C THR A 28 -9.88 -27.72 -11.56
N PHE A 29 -11.06 -28.17 -11.97
CA PHE A 29 -12.28 -27.41 -11.71
C PHE A 29 -12.45 -27.14 -10.22
N SER A 30 -12.07 -28.09 -9.37
CA SER A 30 -12.33 -27.95 -7.94
C SER A 30 -11.43 -26.90 -7.27
N SER A 31 -10.22 -26.71 -7.78
CA SER A 31 -9.30 -25.77 -7.13
C SER A 31 -9.70 -24.32 -7.37
N TYR A 32 -10.41 -24.04 -8.45
CA TYR A 32 -10.78 -22.68 -8.81
C TYR A 32 -12.10 -22.30 -8.14
N ALA A 33 -12.53 -21.07 -8.36
CA ALA A 33 -13.80 -20.57 -7.85
C ALA A 33 -14.74 -20.35 -9.02
N ILE A 34 -16.01 -20.68 -8.81
CA ILE A 34 -17.03 -20.59 -9.86
C ILE A 34 -18.08 -19.60 -9.39
N SER A 35 -18.25 -18.53 -10.16
CA SER A 35 -19.23 -17.49 -9.85
C SER A 35 -20.41 -17.61 -10.78
N TRP A 36 -21.59 -17.30 -10.24
CA TRP A 36 -22.83 -17.22 -11.01
C TRP A 36 -23.27 -15.77 -11.05
N VAL A 37 -23.46 -15.26 -12.27
CA VAL A 37 -23.80 -13.88 -12.55
C VAL A 37 -24.97 -13.87 -13.52
N ARG A 38 -26.04 -13.16 -13.17
CA ARG A 38 -27.16 -13.04 -14.10
C ARG A 38 -27.15 -11.68 -14.77
N GLN A 39 -27.83 -11.61 -15.90
CA GLN A 39 -27.96 -10.37 -16.66
C GLN A 39 -29.33 -10.38 -17.32
N ALA A 40 -30.20 -9.48 -16.90
CA ALA A 40 -31.49 -9.34 -17.55
C ALA A 40 -31.33 -8.58 -18.86
N PRO A 41 -32.33 -8.66 -19.75
CA PRO A 41 -32.26 -7.87 -20.99
C PRO A 41 -32.17 -6.38 -20.68
N GLY A 42 -31.18 -5.72 -21.28
CA GLY A 42 -30.99 -4.30 -21.09
C GLY A 42 -30.44 -3.89 -19.75
N GLN A 43 -30.26 -4.82 -18.82
CA GLN A 43 -29.61 -4.54 -17.55
C GLN A 43 -28.17 -5.04 -17.58
N GLY A 44 -27.43 -4.74 -16.52
CA GLY A 44 -26.04 -5.13 -16.41
C GLY A 44 -25.86 -6.43 -15.64
N LEU A 45 -24.59 -6.80 -15.49
CA LEU A 45 -24.25 -8.00 -14.72
C LEU A 45 -24.61 -7.83 -13.25
N GLU A 46 -25.10 -8.91 -12.65
CA GLU A 46 -25.46 -8.95 -11.23
C GLU A 46 -24.78 -10.17 -10.64
N TRP A 47 -23.84 -9.96 -9.74
CA TRP A 47 -23.17 -11.09 -9.08
C TRP A 47 -24.18 -11.78 -8.16
N MET A 48 -24.52 -13.02 -8.49
CA MET A 48 -25.45 -13.79 -7.69
C MET A 48 -24.75 -14.62 -6.63
N GLY A 49 -23.59 -15.17 -6.94
CA GLY A 49 -22.86 -15.91 -5.93
C GLY A 49 -21.65 -16.61 -6.49
N GLY A 50 -21.12 -17.52 -5.68
CA GLY A 50 -19.95 -18.29 -6.06
C GLY A 50 -19.78 -19.50 -5.16
N ILE A 51 -18.79 -20.31 -5.52
CA ILE A 51 -18.48 -21.54 -4.78
C ILE A 51 -17.12 -22.04 -5.18
N ILE A 52 -16.34 -22.52 -4.20
CA ILE A 52 -15.09 -23.22 -4.46
C ILE A 52 -15.34 -24.71 -4.25
N PRO A 53 -15.39 -25.52 -5.30
CA PRO A 53 -15.85 -26.92 -5.11
C PRO A 53 -15.04 -27.72 -4.11
N ILE A 54 -13.70 -27.65 -4.18
CA ILE A 54 -12.88 -28.48 -3.30
C ILE A 54 -13.22 -28.24 -1.85
N PHE A 55 -13.59 -26.99 -1.49
CA PHE A 55 -13.96 -26.67 -0.12
C PHE A 55 -15.43 -26.92 0.15
N GLY A 56 -16.28 -26.81 -0.87
CA GLY A 56 -17.68 -27.18 -0.77
C GLY A 56 -18.61 -26.07 -0.31
N THR A 57 -18.09 -24.97 0.21
CA THR A 57 -18.93 -23.91 0.73
C THR A 57 -19.17 -22.84 -0.33
N ALA A 58 -20.42 -22.41 -0.44
CA ALA A 58 -20.84 -21.40 -1.41
C ALA A 58 -21.14 -20.09 -0.70
N ASN A 59 -21.18 -19.02 -1.48
CA ASN A 59 -21.47 -17.69 -1.01
C ASN A 59 -22.50 -17.06 -1.93
N TYR A 60 -23.48 -16.36 -1.34
CA TYR A 60 -24.60 -15.83 -2.09
C TYR A 60 -24.76 -14.34 -1.82
N ALA A 61 -24.98 -13.57 -2.89
CA ALA A 61 -25.37 -12.19 -2.75
C ALA A 61 -26.64 -12.08 -1.90
N GLN A 62 -26.70 -11.03 -1.08
CA GLN A 62 -27.85 -10.84 -0.20
C GLN A 62 -29.16 -10.81 -0.97
N LYS A 63 -29.12 -10.34 -2.22
CA LYS A 63 -30.34 -10.20 -3.00
C LYS A 63 -30.97 -11.55 -3.28
N PHE A 64 -30.17 -12.53 -3.70
CA PHE A 64 -30.66 -13.85 -4.08
C PHE A 64 -30.67 -14.84 -2.93
N GLN A 65 -30.32 -14.41 -1.72
CA GLN A 65 -30.29 -15.32 -0.58
C GLN A 65 -31.69 -15.82 -0.26
N GLY A 66 -31.81 -17.13 -0.08
CA GLY A 66 -33.08 -17.77 0.20
C GLY A 66 -33.75 -18.40 -1.00
N ARG A 67 -33.33 -18.04 -2.22
CA ARG A 67 -33.94 -18.56 -3.43
C ARG A 67 -32.95 -19.23 -4.37
N VAL A 68 -31.65 -19.10 -4.14
CA VAL A 68 -30.62 -19.66 -5.01
C VAL A 68 -29.80 -20.66 -4.23
N THR A 69 -29.40 -21.74 -4.89
CA THR A 69 -28.54 -22.75 -4.31
C THR A 69 -27.43 -23.08 -5.31
N ILE A 70 -26.19 -22.91 -4.89
CA ILE A 70 -25.02 -23.16 -5.73
C ILE A 70 -24.31 -24.40 -5.20
N THR A 71 -24.14 -25.39 -6.07
CA THR A 71 -23.52 -26.66 -5.71
C THR A 71 -22.42 -26.99 -6.72
N ALA A 72 -21.58 -27.96 -6.37
CA ALA A 72 -20.48 -28.35 -7.23
C ALA A 72 -20.23 -29.85 -7.09
N ASP A 73 -19.94 -30.50 -8.21
CA ASP A 73 -19.63 -31.92 -8.29
C ASP A 73 -18.21 -32.04 -8.84
N GLU A 74 -17.24 -32.30 -7.96
CA GLU A 74 -15.85 -32.38 -8.39
C GLU A 74 -15.61 -33.56 -9.32
N SER A 75 -16.31 -34.68 -9.12
CA SER A 75 -16.16 -35.83 -10.00
C SER A 75 -16.43 -35.43 -11.45
N THR A 76 -17.66 -35.02 -11.74
CA THR A 76 -18.01 -34.54 -13.07
C THR A 76 -17.48 -33.14 -13.35
N SER A 77 -16.86 -32.49 -12.36
CA SER A 77 -16.35 -31.13 -12.49
C SER A 77 -17.43 -30.19 -13.04
N THR A 78 -18.60 -30.23 -12.41
CA THR A 78 -19.76 -29.46 -12.88
C THR A 78 -20.38 -28.69 -11.74
N ALA A 79 -20.53 -27.38 -11.92
CA ALA A 79 -21.28 -26.55 -10.98
C ALA A 79 -22.75 -26.49 -11.38
N TYR A 80 -23.61 -26.25 -10.39
CA TYR A 80 -25.04 -26.14 -10.61
C TYR A 80 -25.58 -24.95 -9.83
N MET A 81 -26.49 -24.21 -10.46
CA MET A 81 -27.19 -23.09 -9.82
C MET A 81 -28.67 -23.32 -9.97
N GLU A 82 -29.36 -23.51 -8.85
CA GLU A 82 -30.78 -23.78 -8.83
C GLU A 82 -31.52 -22.58 -8.26
N LEU A 83 -32.48 -22.08 -9.02
CA LEU A 83 -33.31 -20.94 -8.62
C LEU A 83 -34.74 -21.41 -8.51
N SER A 84 -35.33 -21.21 -7.33
CA SER A 84 -36.69 -21.63 -7.03
C SER A 84 -37.61 -20.42 -6.91
N SER A 85 -38.91 -20.68 -7.01
CA SER A 85 -39.93 -19.64 -6.89
C SER A 85 -39.72 -18.56 -7.96
N LEU A 86 -39.65 -19.00 -9.21
CA LEU A 86 -39.34 -18.10 -10.30
C LEU A 86 -40.41 -17.02 -10.45
N ARG A 87 -39.96 -15.78 -10.63
CA ARG A 87 -40.83 -14.64 -10.89
C ARG A 87 -40.59 -14.13 -12.31
N SER A 88 -41.42 -13.16 -12.72
CA SER A 88 -41.21 -12.55 -14.03
C SER A 88 -39.87 -11.84 -14.11
N GLU A 89 -39.39 -11.32 -12.98
CA GLU A 89 -38.16 -10.51 -13.01
C GLU A 89 -36.91 -11.36 -13.23
N ASP A 90 -36.99 -12.68 -13.03
CA ASP A 90 -35.84 -13.55 -13.19
C ASP A 90 -35.48 -13.81 -14.64
N THR A 91 -36.35 -13.47 -15.59
CA THR A 91 -36.05 -13.67 -17.01
C THR A 91 -34.71 -13.05 -17.34
N ALA A 92 -33.72 -13.87 -17.69
CA ALA A 92 -32.37 -13.33 -17.85
C ALA A 92 -31.45 -14.43 -18.37
N VAL A 93 -30.22 -14.02 -18.70
CA VAL A 93 -29.14 -14.93 -19.07
C VAL A 93 -28.24 -15.12 -17.87
N TYR A 94 -27.97 -16.38 -17.53
CA TYR A 94 -27.17 -16.74 -16.37
C TYR A 94 -25.84 -17.29 -16.84
N TYR A 95 -24.75 -16.64 -16.42
CA TYR A 95 -23.39 -17.01 -16.75
C TYR A 95 -22.72 -17.65 -15.53
N CYS A 96 -21.86 -18.62 -15.80
CA CYS A 96 -20.92 -19.15 -14.82
C CYS A 96 -19.51 -18.78 -15.26
N ALA A 97 -18.66 -18.40 -14.31
CA ALA A 97 -17.34 -17.87 -14.62
C ALA A 97 -16.31 -18.41 -13.64
N ARG A 98 -15.22 -18.94 -14.19
CA ARG A 98 -14.10 -19.44 -13.41
C ARG A 98 -13.08 -18.33 -13.19
N SER A 99 -12.61 -18.21 -11.95
CA SER A 99 -11.68 -17.18 -11.51
C SER A 99 -10.32 -17.36 -12.18
N GLN A 100 -9.54 -16.28 -12.16
CA GLN A 100 -8.27 -16.28 -12.88
C GLN A 100 -7.21 -17.07 -12.12
N VAL A 101 -6.99 -16.74 -10.85
CA VAL A 101 -6.05 -17.47 -10.00
C VAL A 101 -6.82 -18.63 -9.38
N PRO A 102 -6.18 -19.55 -8.64
CA PRO A 102 -6.91 -20.69 -8.07
C PRO A 102 -8.17 -20.30 -7.30
N SER A 103 -8.09 -20.19 -5.98
CA SER A 103 -9.28 -20.11 -5.13
C SER A 103 -9.46 -18.69 -4.61
N SER A 104 -9.80 -17.77 -5.51
CA SER A 104 -10.05 -16.39 -5.11
C SER A 104 -10.58 -15.60 -6.29
N TYR A 105 -11.46 -14.66 -6.00
CA TYR A 105 -11.96 -13.69 -6.97
C TYR A 105 -11.16 -12.40 -6.94
N TYR A 106 -10.12 -12.33 -6.10
CA TYR A 106 -9.35 -11.10 -5.90
C TYR A 106 -8.81 -10.56 -7.23
N TYR A 107 -8.56 -11.44 -8.20
CA TYR A 107 -7.95 -11.05 -9.46
C TYR A 107 -8.89 -11.23 -10.64
N GLY A 108 -10.19 -11.32 -10.39
CA GLY A 108 -11.18 -11.36 -11.45
C GLY A 108 -11.57 -12.78 -11.82
N MET A 109 -12.45 -12.86 -12.82
CA MET A 109 -12.90 -14.12 -13.38
C MET A 109 -12.57 -14.12 -14.87
N ASP A 110 -11.69 -15.02 -15.28
CA ASP A 110 -11.14 -14.97 -16.62
C ASP A 110 -11.78 -15.94 -17.60
N VAL A 111 -12.50 -16.98 -17.15
CA VAL A 111 -13.10 -17.93 -18.08
C VAL A 111 -14.60 -17.90 -17.88
N TRP A 112 -15.32 -17.17 -18.73
CA TRP A 112 -16.78 -17.12 -18.62
C TRP A 112 -17.41 -18.20 -19.50
N GLY A 113 -18.67 -18.50 -19.20
CA GLY A 113 -19.43 -19.44 -20.00
C GLY A 113 -20.17 -18.77 -21.13
N GLN A 114 -20.90 -19.58 -21.89
CA GLN A 114 -21.63 -19.04 -23.03
C GLN A 114 -22.89 -18.31 -22.59
N GLY A 115 -23.43 -18.68 -21.43
CA GLY A 115 -24.68 -18.12 -20.96
C GLY A 115 -25.84 -19.08 -21.18
N THR A 116 -26.78 -19.10 -20.24
CA THR A 116 -27.99 -19.90 -20.39
C THR A 116 -29.19 -18.97 -20.22
N MET A 117 -30.01 -18.87 -21.27
CA MET A 117 -31.19 -18.02 -21.23
C MET A 117 -32.30 -18.75 -20.49
N VAL A 118 -32.82 -18.15 -19.43
CA VAL A 118 -33.97 -18.68 -18.70
C VAL A 118 -35.08 -17.64 -18.78
N THR A 119 -36.21 -18.06 -19.34
CA THR A 119 -37.36 -17.17 -19.57
C THR A 119 -38.51 -17.62 -18.67
N VAL A 120 -38.99 -16.73 -17.82
CA VAL A 120 -40.11 -17.00 -16.92
C VAL A 120 -41.32 -16.23 -17.43
N SER A 121 -42.30 -16.96 -17.95
CA SER A 121 -43.55 -16.37 -18.42
C SER A 121 -44.65 -17.41 -18.34
N SER A 122 -45.87 -16.95 -18.03
CA SER A 122 -47.02 -17.83 -18.01
C SER A 122 -47.50 -18.21 -19.41
N ALA A 123 -46.97 -17.56 -20.45
CA ALA A 123 -47.32 -17.94 -21.81
C ALA A 123 -46.91 -19.39 -22.08
N SER A 124 -47.63 -20.04 -22.99
CA SER A 124 -47.37 -21.42 -23.38
C SER A 124 -46.92 -21.47 -24.83
N THR A 125 -46.26 -22.57 -25.17
CA THR A 125 -45.80 -22.78 -26.55
C THR A 125 -46.96 -22.63 -27.52
N LYS A 126 -46.73 -21.86 -28.58
CA LYS A 126 -47.74 -21.65 -29.62
C LYS A 126 -47.03 -21.27 -30.90
N GLY A 127 -47.51 -21.80 -32.02
CA GLY A 127 -46.97 -21.46 -33.31
C GLY A 127 -47.44 -20.11 -33.80
N PRO A 128 -46.77 -19.61 -34.84
CA PRO A 128 -47.12 -18.29 -35.39
C PRO A 128 -48.21 -18.36 -36.43
N SER A 129 -48.87 -17.21 -36.61
CA SER A 129 -49.77 -16.98 -37.73
C SER A 129 -49.01 -16.11 -38.74
N VAL A 130 -48.87 -16.60 -39.96
CA VAL A 130 -48.04 -15.95 -40.97
C VAL A 130 -48.96 -15.25 -41.96
N PHE A 131 -48.90 -13.91 -41.97
CA PHE A 131 -49.70 -13.12 -42.90
C PHE A 131 -48.81 -12.41 -43.92
N PRO A 132 -49.27 -12.24 -45.17
CA PRO A 132 -48.41 -11.62 -46.18
C PRO A 132 -48.48 -10.11 -46.21
N LEU A 133 -47.32 -9.49 -46.38
CA LEU A 133 -47.18 -8.04 -46.55
C LEU A 133 -46.92 -7.80 -48.04
N ALA A 134 -48.00 -7.53 -48.77
CA ALA A 134 -47.94 -7.52 -50.23
C ALA A 134 -47.21 -6.26 -50.72
N PRO A 135 -46.41 -6.38 -51.79
CA PRO A 135 -45.72 -5.21 -52.38
C PRO A 135 -46.69 -4.23 -53.04
N GLY A 143 -37.80 2.18 -58.41
CA GLY A 143 -37.55 0.99 -59.21
C GLY A 143 -37.48 -0.28 -58.38
N THR A 144 -37.75 -0.16 -57.08
CA THR A 144 -37.66 -1.26 -56.14
C THR A 144 -38.98 -1.42 -55.40
N ALA A 145 -39.46 -2.65 -55.29
CA ALA A 145 -40.62 -2.98 -54.48
C ALA A 145 -40.17 -3.72 -53.24
N ALA A 146 -41.01 -3.69 -52.20
CA ALA A 146 -40.70 -4.35 -50.93
C ALA A 146 -41.89 -5.21 -50.54
N LEU A 147 -41.63 -6.51 -50.36
CA LEU A 147 -42.66 -7.45 -49.91
C LEU A 147 -42.18 -8.08 -48.61
N GLY A 148 -43.06 -8.83 -47.94
CA GLY A 148 -42.64 -9.43 -46.69
C GLY A 148 -43.69 -10.34 -46.09
N CYS A 149 -43.39 -10.75 -44.85
CA CYS A 149 -44.26 -11.62 -44.07
C CYS A 149 -44.28 -11.13 -42.62
N LEU A 150 -45.46 -11.23 -42.00
CA LEU A 150 -45.66 -10.92 -40.59
C LEU A 150 -45.90 -12.23 -39.85
N VAL A 151 -44.98 -12.58 -38.95
CA VAL A 151 -45.04 -13.80 -38.15
C VAL A 151 -45.57 -13.37 -36.78
N LYS A 152 -46.87 -13.49 -36.58
CA LYS A 152 -47.55 -12.91 -35.44
C LYS A 152 -47.89 -13.97 -34.39
N ASP A 153 -47.88 -13.57 -33.12
CA ASP A 153 -48.46 -14.34 -32.04
C ASP A 153 -47.85 -15.75 -31.97
N TYR A 154 -46.60 -15.80 -31.53
CA TYR A 154 -45.91 -17.06 -31.29
C TYR A 154 -45.17 -16.98 -29.96
N PHE A 155 -44.77 -18.14 -29.45
CA PHE A 155 -44.03 -18.21 -28.21
C PHE A 155 -43.50 -19.62 -28.01
N PRO A 156 -42.29 -19.80 -27.45
CA PRO A 156 -41.32 -18.78 -27.06
C PRO A 156 -40.44 -18.40 -28.24
N GLU A 157 -39.49 -17.50 -28.07
CA GLU A 157 -38.49 -17.32 -29.11
C GLU A 157 -37.75 -18.64 -29.32
N PRO A 158 -37.12 -18.83 -30.48
CA PRO A 158 -37.09 -17.97 -31.67
C PRO A 158 -37.82 -18.56 -32.87
N VAL A 159 -38.07 -17.75 -33.90
CA VAL A 159 -38.45 -18.23 -35.22
C VAL A 159 -37.36 -17.84 -36.19
N THR A 160 -37.21 -18.62 -37.25
CA THR A 160 -36.30 -18.31 -38.34
C THR A 160 -37.09 -18.16 -39.63
N VAL A 161 -36.62 -17.28 -40.52
CA VAL A 161 -37.32 -16.93 -41.73
C VAL A 161 -36.35 -17.03 -42.89
N SER A 162 -36.69 -17.86 -43.88
CA SER A 162 -35.96 -17.93 -45.14
C SER A 162 -36.90 -17.53 -46.27
N TRP A 163 -36.32 -17.28 -47.45
CA TRP A 163 -37.11 -16.90 -48.62
C TRP A 163 -36.71 -17.77 -49.80
N ASN A 164 -37.72 -18.32 -50.49
CA ASN A 164 -37.50 -19.27 -51.57
C ASN A 164 -36.59 -20.42 -51.12
N SER A 165 -36.69 -20.79 -49.85
CA SER A 165 -35.98 -21.91 -49.25
C SER A 165 -34.49 -21.65 -49.13
N GLY A 166 -34.06 -20.39 -49.21
CA GLY A 166 -32.67 -20.01 -49.09
C GLY A 166 -32.06 -19.49 -50.37
N ALA A 167 -32.76 -19.58 -51.51
CA ALA A 167 -32.21 -19.09 -52.76
C ALA A 167 -32.18 -17.58 -52.84
N LEU A 168 -33.01 -16.89 -52.06
CA LEU A 168 -33.07 -15.44 -52.04
C LEU A 168 -32.38 -14.93 -50.79
N THR A 169 -31.33 -14.13 -50.97
CA THR A 169 -30.60 -13.55 -49.85
C THR A 169 -30.39 -12.06 -50.05
N SER A 170 -30.34 -11.61 -51.31
CA SER A 170 -30.15 -10.21 -51.60
C SER A 170 -31.35 -9.40 -51.15
N GLY A 171 -31.12 -8.39 -50.31
CA GLY A 171 -32.18 -7.49 -49.91
C GLY A 171 -33.09 -7.97 -48.81
N VAL A 172 -32.70 -9.00 -48.08
CA VAL A 172 -33.54 -9.55 -47.02
C VAL A 172 -33.20 -8.88 -45.69
N HIS A 173 -34.24 -8.59 -44.89
CA HIS A 173 -34.08 -8.04 -43.56
C HIS A 173 -35.15 -8.65 -42.66
N THR A 174 -34.71 -9.45 -41.68
CA THR A 174 -35.59 -10.08 -40.71
C THR A 174 -35.40 -9.34 -39.38
N PHE A 175 -36.39 -8.53 -39.02
CA PHE A 175 -36.28 -7.62 -37.89
C PHE A 175 -36.39 -8.36 -36.56
N PRO A 176 -35.99 -7.73 -35.46
CA PRO A 176 -36.14 -8.36 -34.16
C PRO A 176 -37.59 -8.36 -33.70
N ALA A 177 -37.97 -9.43 -33.00
CA ALA A 177 -39.34 -9.58 -32.54
C ALA A 177 -39.66 -8.56 -31.44
N VAL A 178 -40.96 -8.37 -31.21
CA VAL A 178 -41.47 -7.51 -30.16
C VAL A 178 -42.35 -8.35 -29.25
N LEU A 179 -42.26 -8.11 -27.95
CA LEU A 179 -43.07 -8.85 -26.98
C LEU A 179 -44.36 -8.08 -26.79
N GLN A 180 -45.41 -8.52 -27.49
CA GLN A 180 -46.70 -7.86 -27.39
C GLN A 180 -47.25 -7.95 -25.98
N SER A 181 -48.21 -7.08 -25.68
CA SER A 181 -48.83 -7.08 -24.36
C SER A 181 -49.47 -8.42 -24.02
N SER A 182 -49.72 -9.27 -25.02
CA SER A 182 -50.36 -10.56 -24.82
C SER A 182 -49.40 -11.66 -24.39
N GLY A 183 -48.12 -11.35 -24.18
CA GLY A 183 -47.13 -12.35 -23.86
C GLY A 183 -46.55 -13.08 -25.04
N LEU A 184 -47.11 -12.90 -26.23
CA LEU A 184 -46.62 -13.55 -27.45
C LEU A 184 -45.77 -12.59 -28.27
N TYR A 185 -44.84 -13.15 -29.02
CA TYR A 185 -43.93 -12.41 -29.87
C TYR A 185 -44.51 -12.21 -31.26
N SER A 186 -43.99 -11.20 -31.95
CA SER A 186 -44.35 -10.94 -33.33
C SER A 186 -43.12 -10.42 -34.05
N LEU A 187 -42.95 -10.86 -35.30
CA LEU A 187 -41.76 -10.59 -36.08
C LEU A 187 -42.18 -10.22 -37.50
N SER A 188 -41.30 -9.50 -38.18
CA SER A 188 -41.54 -9.13 -39.58
C SER A 188 -40.27 -9.42 -40.37
N SER A 189 -40.44 -9.96 -41.57
CA SER A 189 -39.31 -10.20 -42.46
C SER A 189 -39.66 -9.65 -43.84
N VAL A 190 -38.89 -8.67 -44.30
CA VAL A 190 -39.14 -8.03 -45.58
C VAL A 190 -37.98 -8.31 -46.52
N VAL A 191 -38.22 -8.07 -47.80
CA VAL A 191 -37.20 -8.18 -48.83
C VAL A 191 -37.56 -7.23 -49.97
N THR A 192 -36.53 -6.60 -50.53
CA THR A 192 -36.69 -5.66 -51.63
C THR A 192 -36.25 -6.32 -52.92
N VAL A 193 -37.08 -6.18 -53.96
CA VAL A 193 -36.86 -6.87 -55.23
C VAL A 193 -37.15 -5.91 -56.38
N PRO A 194 -36.69 -6.25 -57.58
CA PRO A 194 -37.04 -5.44 -58.76
C PRO A 194 -38.56 -5.42 -58.95
N SER A 195 -39.08 -4.24 -59.31
CA SER A 195 -40.51 -4.12 -59.54
C SER A 195 -40.96 -4.97 -60.73
N SER A 196 -40.09 -5.16 -61.72
CA SER A 196 -40.46 -5.90 -62.91
C SER A 196 -40.61 -7.39 -62.67
N SER A 197 -40.05 -7.92 -61.58
CA SER A 197 -40.04 -9.36 -61.34
C SER A 197 -41.28 -9.86 -60.62
N LEU A 198 -42.17 -8.97 -60.18
CA LEU A 198 -43.34 -9.43 -59.42
C LEU A 198 -44.27 -10.26 -60.28
N GLY A 199 -44.29 -10.03 -61.59
CA GLY A 199 -45.14 -10.81 -62.47
C GLY A 199 -44.63 -12.20 -62.77
N THR A 200 -43.31 -12.37 -62.81
CA THR A 200 -42.70 -13.63 -63.23
C THR A 200 -42.24 -14.50 -62.05
N GLN A 201 -41.57 -13.91 -61.07
CA GLN A 201 -40.96 -14.69 -60.01
C GLN A 201 -41.93 -14.91 -58.85
N THR A 202 -41.73 -16.01 -58.14
CA THR A 202 -42.50 -16.35 -56.97
C THR A 202 -41.65 -16.15 -55.72
N TYR A 203 -42.16 -15.38 -54.78
CA TYR A 203 -41.50 -15.14 -53.50
C TYR A 203 -42.31 -15.79 -52.40
N ILE A 204 -41.66 -16.65 -51.62
CA ILE A 204 -42.31 -17.40 -50.55
C ILE A 204 -41.43 -17.29 -49.31
N CYS A 205 -42.05 -17.01 -48.17
CA CYS A 205 -41.35 -16.99 -46.89
C CYS A 205 -41.60 -18.31 -46.18
N ASN A 206 -40.50 -18.97 -45.78
CA ASN A 206 -40.53 -20.20 -45.01
C ASN A 206 -40.21 -19.83 -43.57
N VAL A 207 -41.22 -19.92 -42.71
CA VAL A 207 -41.11 -19.59 -41.30
C VAL A 207 -41.00 -20.88 -40.51
N ASN A 208 -40.05 -20.93 -39.58
CA ASN A 208 -39.78 -22.13 -38.79
C ASN A 208 -39.80 -21.75 -37.31
N HIS A 209 -40.68 -22.40 -36.55
CA HIS A 209 -40.78 -22.21 -35.11
C HIS A 209 -40.59 -23.60 -34.49
N LYS A 210 -39.38 -23.86 -34.01
CA LYS A 210 -38.99 -25.19 -33.55
C LYS A 210 -39.62 -25.53 -32.19
N PRO A 211 -39.76 -24.57 -31.27
CA PRO A 211 -40.45 -24.89 -30.01
C PRO A 211 -41.83 -25.54 -30.21
N SER A 212 -42.65 -25.01 -31.12
CA SER A 212 -43.94 -25.61 -31.41
C SER A 212 -43.88 -26.55 -32.61
N ASN A 213 -42.72 -26.70 -33.23
CA ASN A 213 -42.52 -27.64 -34.34
C ASN A 213 -43.41 -27.29 -35.54
N THR A 214 -43.54 -26.00 -35.81
CA THR A 214 -44.37 -25.52 -36.92
C THR A 214 -43.48 -24.98 -38.03
N LYS A 215 -43.90 -25.20 -39.28
CA LYS A 215 -43.21 -24.63 -40.44
C LYS A 215 -44.26 -24.19 -41.45
N VAL A 216 -44.16 -22.95 -41.91
CA VAL A 216 -45.18 -22.34 -42.77
C VAL A 216 -44.50 -21.77 -44.01
N ASP A 217 -44.90 -22.25 -45.18
CA ASP A 217 -44.44 -21.70 -46.45
C ASP A 217 -45.58 -20.86 -47.02
N LYS A 218 -45.42 -19.53 -46.99
CA LYS A 218 -46.47 -18.61 -47.40
C LYS A 218 -45.96 -17.76 -48.56
N LYS A 219 -46.74 -17.69 -49.64
CA LYS A 219 -46.37 -16.92 -50.81
C LYS A 219 -46.94 -15.51 -50.72
N VAL A 220 -46.11 -14.51 -51.01
CA VAL A 220 -46.50 -13.11 -50.94
C VAL A 220 -46.73 -12.64 -52.37
N GLU A 221 -48.01 -12.57 -52.79
CA GLU A 221 -48.40 -12.14 -54.12
C GLU A 221 -48.87 -10.69 -54.10
N PRO A 222 -48.65 -9.93 -55.19
CA PRO A 222 -49.13 -8.55 -55.22
C PRO A 222 -50.64 -8.43 -55.03
N GLN B 1 -30.33 -0.61 -7.42
CA GLN B 1 -29.24 0.42 -7.48
C GLN B 1 -27.89 -0.24 -7.22
N SER B 2 -27.07 -0.31 -8.26
CA SER B 2 -25.75 -0.95 -8.13
C SER B 2 -24.87 -0.19 -7.15
N VAL B 3 -24.01 -0.92 -6.46
CA VAL B 3 -23.08 -0.30 -5.51
C VAL B 3 -22.09 0.59 -6.24
N LEU B 4 -21.63 0.14 -7.41
CA LEU B 4 -20.67 0.89 -8.21
C LEU B 4 -21.42 1.65 -9.30
N THR B 5 -21.01 2.90 -9.51
CA THR B 5 -21.67 3.81 -10.44
C THR B 5 -20.81 4.00 -11.68
N GLN B 6 -21.45 3.97 -12.84
CA GLN B 6 -20.79 4.19 -14.11
C GLN B 6 -21.63 5.12 -14.96
N PRO B 7 -21.03 5.78 -15.95
CA PRO B 7 -21.82 6.56 -16.90
C PRO B 7 -22.67 5.65 -17.77
N PRO B 8 -23.94 5.99 -17.99
CA PRO B 8 -24.78 5.10 -18.83
C PRO B 8 -24.24 4.94 -20.23
N SER B 9 -23.59 5.95 -20.78
CA SER B 9 -23.07 5.88 -22.14
C SER B 9 -21.93 6.87 -22.32
N VAL B 10 -20.93 6.46 -23.10
CA VAL B 10 -19.87 7.33 -23.56
C VAL B 10 -19.67 7.07 -25.04
N SER B 11 -19.28 8.10 -25.78
CA SER B 11 -19.14 8.00 -27.23
C SER B 11 -17.90 8.75 -27.69
N GLY B 12 -17.29 8.23 -28.74
CA GLY B 12 -16.14 8.88 -29.35
C GLY B 12 -15.98 8.42 -30.77
N ALA B 13 -15.29 9.23 -31.55
CA ALA B 13 -15.01 8.91 -32.94
C ALA B 13 -13.72 8.08 -33.03
N PRO B 14 -13.51 7.37 -34.13
CA PRO B 14 -12.33 6.52 -34.24
C PRO B 14 -11.05 7.28 -33.96
N GLY B 15 -10.12 6.61 -33.28
CA GLY B 15 -8.85 7.20 -32.90
C GLY B 15 -8.89 8.06 -31.67
N GLN B 16 -10.05 8.25 -31.05
CA GLN B 16 -10.17 9.09 -29.86
C GLN B 16 -9.92 8.27 -28.61
N ARG B 17 -9.50 8.96 -27.55
CA ARG B 17 -9.35 8.34 -26.24
C ARG B 17 -10.64 8.52 -25.46
N VAL B 18 -11.13 7.42 -24.88
CA VAL B 18 -12.35 7.42 -24.09
C VAL B 18 -12.01 6.97 -22.67
N THR B 19 -12.72 7.54 -21.70
CA THR B 19 -12.51 7.23 -20.30
C THR B 19 -13.85 6.87 -19.67
N ILE B 20 -13.90 5.70 -19.04
CA ILE B 20 -15.07 5.23 -18.32
C ILE B 20 -14.72 5.20 -16.84
N SER B 21 -15.60 5.76 -16.02
CA SER B 21 -15.35 5.87 -14.59
C SER B 21 -16.13 4.82 -13.81
N CYS B 22 -15.71 4.61 -12.56
CA CYS B 22 -16.33 3.63 -11.67
C CYS B 22 -16.12 4.13 -10.25
N THR B 23 -17.17 4.65 -9.64
CA THR B 23 -17.08 5.29 -8.33
C THR B 23 -17.90 4.52 -7.30
N GLY B 24 -17.40 4.48 -6.08
CA GLY B 24 -18.08 3.80 -4.99
C GLY B 24 -17.77 4.48 -3.68
N GLY B 25 -17.74 3.70 -2.60
CA GLY B 25 -17.41 4.22 -1.29
C GLY B 25 -16.14 3.61 -0.72
N ASN B 26 -15.90 3.83 0.57
CA ASN B 26 -14.70 3.29 1.21
C ASN B 26 -14.80 1.79 1.51
N SER B 27 -15.99 1.20 1.39
CA SER B 27 -16.16 -0.23 1.61
C SER B 27 -15.84 -1.07 0.39
N ASN B 28 -15.69 -0.46 -0.78
CA ASN B 28 -15.42 -1.21 -2.00
C ASN B 28 -14.13 -0.73 -2.68
N ILE B 29 -14.25 0.31 -3.52
CA ILE B 29 -13.09 0.77 -4.27
C ILE B 29 -12.05 1.34 -3.32
N GLY B 30 -12.47 2.13 -2.34
CA GLY B 30 -11.61 2.48 -1.24
C GLY B 30 -11.34 1.29 -0.34
N ALA B 31 -10.34 1.45 0.52
CA ALA B 31 -9.96 0.44 1.51
C ALA B 31 -9.22 -0.75 0.89
N GLY B 32 -8.53 -0.52 -0.23
CA GLY B 32 -7.58 -1.49 -0.75
C GLY B 32 -8.09 -2.37 -1.87
N TYR B 33 -9.35 -2.80 -1.77
CA TYR B 33 -9.88 -3.75 -2.74
C TYR B 33 -9.85 -3.17 -4.14
N HIS B 34 -9.53 -4.03 -5.11
CA HIS B 34 -9.21 -3.60 -6.45
C HIS B 34 -10.47 -3.45 -7.31
N VAL B 35 -10.28 -3.02 -8.55
CA VAL B 35 -11.36 -2.80 -9.50
C VAL B 35 -11.02 -3.51 -10.79
N HIS B 36 -11.85 -4.47 -11.19
CA HIS B 36 -11.71 -5.17 -12.45
C HIS B 36 -12.62 -4.53 -13.49
N TRP B 37 -12.25 -4.73 -14.76
CA TRP B 37 -13.02 -4.21 -15.89
C TRP B 37 -13.23 -5.35 -16.88
N TYR B 38 -14.47 -5.51 -17.32
CA TYR B 38 -14.88 -6.56 -18.24
C TYR B 38 -15.53 -5.91 -19.46
N GLN B 39 -15.23 -6.46 -20.64
CA GLN B 39 -15.85 -6.05 -21.90
C GLN B 39 -16.85 -7.10 -22.34
N GLN B 40 -18.02 -6.66 -22.78
CA GLN B 40 -19.07 -7.53 -23.29
C GLN B 40 -19.48 -7.00 -24.64
N LEU B 41 -19.16 -7.74 -25.70
CA LEU B 41 -19.53 -7.35 -27.04
C LEU B 41 -20.95 -7.77 -27.34
N PRO B 42 -21.59 -7.12 -28.32
CA PRO B 42 -23.00 -7.44 -28.62
C PRO B 42 -23.23 -8.93 -28.83
N GLY B 43 -24.01 -9.53 -27.93
CA GLY B 43 -24.34 -10.95 -28.04
C GLY B 43 -23.17 -11.86 -27.71
N ALA B 44 -22.55 -11.67 -26.56
CA ALA B 44 -21.39 -12.46 -26.17
C ALA B 44 -21.25 -12.44 -24.66
N ALA B 45 -20.43 -13.34 -24.15
CA ALA B 45 -20.17 -13.38 -22.72
C ALA B 45 -19.10 -12.35 -22.35
N PRO B 46 -19.15 -11.82 -21.12
CA PRO B 46 -18.10 -10.89 -20.69
C PRO B 46 -16.71 -11.51 -20.80
N LYS B 47 -15.74 -10.64 -21.06
CA LYS B 47 -14.33 -10.99 -21.10
C LYS B 47 -13.57 -10.08 -20.14
N LEU B 48 -12.53 -10.62 -19.51
CA LEU B 48 -11.75 -9.84 -18.56
C LEU B 48 -10.79 -8.93 -19.30
N LEU B 49 -10.99 -7.62 -19.17
CA LEU B 49 -10.06 -6.63 -19.72
C LEU B 49 -8.97 -6.27 -18.73
N ILE B 50 -9.36 -5.80 -17.55
CA ILE B 50 -8.41 -5.34 -16.53
C ILE B 50 -8.71 -6.07 -15.23
N TYR B 51 -7.65 -6.48 -14.53
CA TYR B 51 -7.78 -7.03 -13.20
C TYR B 51 -6.78 -6.33 -12.27
N GLY B 52 -7.18 -6.16 -11.02
CA GLY B 52 -6.30 -5.53 -10.05
C GLY B 52 -5.96 -4.11 -10.41
N ASP B 53 -6.96 -3.33 -10.83
CA ASP B 53 -6.81 -1.91 -11.15
C ASP B 53 -6.18 -1.68 -12.52
N THR B 54 -5.00 -2.24 -12.76
CA THR B 54 -4.22 -1.85 -13.93
C THR B 54 -3.78 -3.01 -14.82
N ASN B 55 -3.57 -4.19 -14.24
CA ASN B 55 -2.96 -5.29 -14.98
C ASN B 55 -3.86 -5.75 -16.13
N ARG B 56 -3.24 -6.28 -17.18
CA ARG B 56 -3.91 -6.79 -18.36
C ARG B 56 -3.61 -8.28 -18.53
N PRO B 57 -4.61 -9.12 -18.83
CA PRO B 57 -4.33 -10.54 -19.13
C PRO B 57 -3.51 -10.75 -20.39
N VAL B 60 -5.07 -8.90 -24.03
CA VAL B 60 -5.68 -7.58 -24.11
C VAL B 60 -4.70 -6.59 -24.75
N PRO B 61 -5.15 -5.85 -25.76
CA PRO B 61 -4.28 -4.83 -26.37
C PRO B 61 -3.86 -3.79 -25.34
N ASP B 62 -2.69 -3.20 -25.58
CA ASP B 62 -2.21 -2.12 -24.72
C ASP B 62 -3.04 -0.85 -24.88
N ARG B 63 -4.01 -0.82 -25.80
CA ARG B 63 -4.87 0.34 -25.94
C ARG B 63 -5.79 0.50 -24.74
N PHE B 64 -6.13 -0.61 -24.08
CA PHE B 64 -6.90 -0.57 -22.85
C PHE B 64 -5.95 -0.40 -21.67
N SER B 65 -6.35 0.42 -20.70
CA SER B 65 -5.55 0.58 -19.50
C SER B 65 -6.47 1.00 -18.36
N GLY B 66 -5.98 0.85 -17.13
CA GLY B 66 -6.77 1.18 -15.96
C GLY B 66 -5.95 1.97 -14.96
N SER B 67 -6.67 2.72 -14.13
CA SER B 67 -6.05 3.45 -13.02
C SER B 67 -7.04 3.55 -11.87
N GLN B 68 -6.52 3.78 -10.67
CA GLN B 68 -7.31 3.82 -9.45
C GLN B 68 -6.83 4.93 -8.54
N SER B 69 -7.76 5.75 -8.05
CA SER B 69 -7.46 6.83 -7.14
C SER B 69 -8.61 7.04 -6.18
N GLY B 70 -8.32 7.05 -4.89
CA GLY B 70 -9.36 7.28 -3.89
C GLY B 70 -10.48 6.27 -4.01
N THR B 71 -11.71 6.76 -4.11
CA THR B 71 -12.88 5.91 -4.28
C THR B 71 -13.35 5.85 -5.73
N SER B 72 -12.43 6.03 -6.67
CA SER B 72 -12.75 5.96 -8.09
C SER B 72 -11.71 5.12 -8.82
N ALA B 73 -12.15 4.51 -9.91
CA ALA B 73 -11.28 3.85 -10.86
C ALA B 73 -11.70 4.27 -12.26
N SER B 74 -10.81 4.11 -13.22
CA SER B 74 -11.12 4.51 -14.59
C SER B 74 -10.43 3.59 -15.58
N LEU B 75 -11.13 3.35 -16.68
CA LEU B 75 -10.64 2.57 -17.82
C LEU B 75 -10.47 3.52 -19.00
N ALA B 76 -9.25 3.57 -19.55
CA ALA B 76 -8.93 4.40 -20.69
C ALA B 76 -8.74 3.52 -21.93
N ILE B 77 -9.44 3.88 -23.01
CA ILE B 77 -9.31 3.23 -24.30
C ILE B 77 -8.74 4.26 -25.26
N THR B 78 -7.46 4.14 -25.57
CA THR B 78 -6.80 5.03 -26.51
C THR B 78 -6.87 4.43 -27.92
N GLY B 79 -6.94 5.31 -28.90
CA GLY B 79 -7.07 4.86 -30.28
C GLY B 79 -8.30 4.03 -30.49
N LEU B 80 -9.46 4.59 -30.14
CA LEU B 80 -10.72 3.88 -30.23
C LEU B 80 -10.89 3.23 -31.60
N GLN B 81 -11.33 1.97 -31.60
CA GLN B 81 -11.56 1.24 -32.84
C GLN B 81 -13.02 0.83 -32.90
N ALA B 82 -13.42 0.38 -34.09
CA ALA B 82 -14.81 -0.04 -34.28
C ALA B 82 -15.14 -1.27 -33.44
N ASP B 83 -14.14 -2.10 -33.15
CA ASP B 83 -14.38 -3.32 -32.39
C ASP B 83 -14.58 -3.08 -30.90
N ASP B 84 -14.22 -1.90 -30.39
CA ASP B 84 -14.37 -1.62 -28.97
C ASP B 84 -15.79 -1.22 -28.59
N GLU B 85 -16.66 -0.99 -29.57
CA GLU B 85 -18.04 -0.65 -29.29
C GLU B 85 -18.71 -1.78 -28.52
N ALA B 86 -19.04 -1.56 -27.25
CA ALA B 86 -19.52 -2.65 -26.40
C ALA B 86 -19.88 -2.18 -25.01
N ASP B 87 -20.42 -3.07 -24.17
CA ASP B 87 -20.70 -2.72 -22.78
C ASP B 87 -19.48 -3.00 -21.93
N TYR B 88 -19.21 -2.10 -20.98
CA TYR B 88 -18.06 -2.21 -20.09
C TYR B 88 -18.54 -2.19 -18.65
N TYR B 89 -18.15 -3.21 -17.89
CA TYR B 89 -18.60 -3.38 -16.52
C TYR B 89 -17.40 -3.35 -15.59
N CYS B 90 -17.47 -2.53 -14.54
CA CYS B 90 -16.46 -2.55 -13.49
C CYS B 90 -16.97 -3.39 -12.32
N GLN B 91 -16.05 -4.13 -11.71
CA GLN B 91 -16.36 -5.07 -10.64
C GLN B 91 -15.46 -4.77 -9.46
N SER B 92 -16.02 -4.85 -8.25
CA SER B 92 -15.21 -4.67 -7.06
C SER B 92 -15.87 -5.39 -5.89
N TYR B 93 -15.08 -5.66 -4.86
CA TYR B 93 -15.56 -6.36 -3.68
C TYR B 93 -16.13 -5.37 -2.69
N ASP B 94 -17.40 -5.53 -2.35
CA ASP B 94 -18.02 -4.76 -1.28
C ASP B 94 -17.85 -5.53 0.02
N ARG B 95 -17.24 -4.87 0.99
CA ARG B 95 -16.91 -5.42 2.29
C ARG B 95 -18.05 -5.24 3.29
N SER B 96 -19.01 -4.38 3.00
CA SER B 96 -20.20 -4.27 3.83
C SER B 96 -21.25 -5.31 3.46
N ARG B 97 -21.36 -5.64 2.16
CA ARG B 97 -22.27 -6.66 1.68
C ARG B 97 -21.60 -8.00 1.44
N GLY B 98 -20.28 -8.06 1.51
CA GLY B 98 -19.55 -9.30 1.33
C GLY B 98 -19.77 -9.91 -0.04
N GLY B 99 -19.43 -9.19 -1.11
CA GLY B 99 -19.66 -9.74 -2.44
C GLY B 99 -19.03 -8.92 -3.56
N TRP B 100 -18.47 -9.60 -4.57
CA TRP B 100 -17.87 -8.96 -5.74
C TRP B 100 -19.00 -8.48 -6.64
N PHE B 101 -19.44 -7.24 -6.43
CA PHE B 101 -20.55 -6.67 -7.18
C PHE B 101 -20.07 -5.79 -8.33
N PHE B 102 -20.84 -5.82 -9.42
CA PHE B 102 -20.54 -5.10 -10.64
C PHE B 102 -21.10 -3.68 -10.57
N GLY B 103 -20.80 -2.88 -11.60
CA GLY B 103 -21.36 -1.57 -11.76
C GLY B 103 -22.54 -1.58 -12.72
N GLY B 104 -23.15 -0.41 -12.87
CA GLY B 104 -24.27 -0.28 -13.79
C GLY B 104 -23.90 -0.52 -15.24
N GLY B 105 -22.63 -0.42 -15.57
CA GLY B 105 -22.18 -0.65 -16.93
C GLY B 105 -22.26 0.60 -17.79
N THR B 106 -21.37 0.66 -18.78
CA THR B 106 -21.30 1.80 -19.69
C THR B 106 -21.30 1.26 -21.12
N GLN B 107 -22.24 1.74 -21.93
CA GLN B 107 -22.28 1.37 -23.33
C GLN B 107 -21.35 2.32 -24.09
N LEU B 108 -20.24 1.80 -24.59
CA LEU B 108 -19.28 2.57 -25.37
C LEU B 108 -19.66 2.45 -26.84
N THR B 109 -19.97 3.60 -27.45
CA THR B 109 -20.35 3.69 -28.85
C THR B 109 -19.21 4.33 -29.64
N VAL B 110 -18.91 3.76 -30.80
CA VAL B 110 -17.97 4.35 -31.75
C VAL B 110 -18.77 4.95 -32.90
N LEU B 111 -18.56 6.23 -33.15
CA LEU B 111 -19.42 7.00 -34.04
C LEU B 111 -19.05 6.84 -35.51
N PRO B 114 -21.01 8.35 -38.78
CA PRO B 114 -21.59 9.18 -39.83
C PRO B 114 -23.12 9.12 -39.85
N LYS B 115 -23.75 10.25 -39.52
CA LYS B 115 -25.20 10.32 -39.42
C LYS B 115 -25.87 9.78 -40.68
N ALA B 116 -27.10 9.31 -40.51
CA ALA B 116 -27.84 8.69 -41.61
C ALA B 116 -29.32 8.67 -41.24
N ALA B 117 -30.15 9.37 -42.02
CA ALA B 117 -31.56 9.43 -41.72
C ALA B 117 -32.25 8.13 -42.11
N PRO B 118 -33.40 7.82 -41.50
CA PRO B 118 -33.97 6.48 -41.64
C PRO B 118 -34.82 6.31 -42.88
N SER B 119 -34.83 5.07 -43.38
CA SER B 119 -35.73 4.65 -44.45
C SER B 119 -36.90 3.91 -43.82
N VAL B 120 -38.11 4.40 -44.03
CA VAL B 120 -39.30 3.87 -43.38
C VAL B 120 -40.18 3.19 -44.42
N THR B 121 -40.87 2.14 -43.98
CA THR B 121 -41.83 1.42 -44.80
C THR B 121 -43.03 1.02 -43.95
N LEU B 122 -44.22 1.41 -44.38
CA LEU B 122 -45.46 1.11 -43.66
C LEU B 122 -46.28 0.12 -44.46
N PHE B 123 -46.59 -1.03 -43.85
CA PHE B 123 -47.47 -2.05 -44.40
C PHE B 123 -48.82 -1.99 -43.71
N PRO B 124 -49.92 -2.02 -44.46
CA PRO B 124 -51.25 -2.03 -43.84
C PRO B 124 -51.63 -3.44 -43.41
N PRO B 125 -52.78 -3.60 -42.75
CA PRO B 125 -53.20 -4.94 -42.34
C PRO B 125 -53.46 -5.84 -43.54
N SER B 126 -53.18 -7.12 -43.35
CA SER B 126 -53.43 -8.11 -44.40
C SER B 126 -54.92 -8.39 -44.50
N SER B 127 -55.38 -8.69 -45.72
CA SER B 127 -56.76 -9.12 -45.89
C SER B 127 -57.04 -10.38 -45.07
N GLU B 128 -56.10 -11.33 -45.08
CA GLU B 128 -56.27 -12.53 -44.27
C GLU B 128 -56.36 -12.18 -42.80
N GLU B 129 -55.54 -11.22 -42.34
CA GLU B 129 -55.57 -10.84 -40.93
C GLU B 129 -56.93 -10.26 -40.57
N LEU B 130 -57.46 -9.36 -41.40
CA LEU B 130 -58.79 -8.82 -41.15
C LEU B 130 -59.83 -9.94 -41.12
N GLN B 131 -59.66 -10.96 -41.97
CA GLN B 131 -60.56 -12.10 -41.90
C GLN B 131 -60.35 -12.93 -40.64
N ALA B 132 -59.18 -12.83 -40.01
CA ALA B 132 -58.94 -13.40 -38.69
C ALA B 132 -59.41 -12.48 -37.58
N ASN B 133 -60.19 -11.44 -37.92
CA ASN B 133 -60.68 -10.44 -36.99
C ASN B 133 -59.52 -9.83 -36.20
N LYS B 134 -58.48 -9.45 -36.94
CA LYS B 134 -57.31 -8.80 -36.38
C LYS B 134 -56.77 -7.81 -37.40
N ALA B 135 -56.08 -6.78 -36.91
CA ALA B 135 -55.47 -5.80 -37.80
C ALA B 135 -54.17 -5.34 -37.17
N THR B 136 -53.12 -5.26 -37.99
CA THR B 136 -51.80 -4.83 -37.52
C THR B 136 -51.15 -3.98 -38.59
N LEU B 137 -50.91 -2.71 -38.28
CA LEU B 137 -50.12 -1.84 -39.13
C LEU B 137 -48.66 -1.95 -38.71
N VAL B 138 -47.76 -2.09 -39.69
CA VAL B 138 -46.35 -2.38 -39.43
C VAL B 138 -45.51 -1.24 -39.99
N CYS B 139 -44.69 -0.63 -39.14
CA CYS B 139 -43.79 0.45 -39.52
C CYS B 139 -42.36 -0.03 -39.30
N LEU B 140 -41.65 -0.29 -40.38
CA LEU B 140 -40.28 -0.82 -40.33
C LEU B 140 -39.32 0.30 -40.69
N VAL B 141 -38.37 0.56 -39.80
CA VAL B 141 -37.35 1.59 -39.97
C VAL B 141 -36.01 0.89 -40.17
N SER B 142 -35.22 1.36 -41.12
CA SER B 142 -33.93 0.73 -41.37
C SER B 142 -32.95 1.73 -41.96
N ASP B 143 -31.66 1.47 -41.72
CA ASP B 143 -30.55 2.23 -42.31
C ASP B 143 -30.47 3.64 -41.72
N PHE B 144 -30.41 3.71 -40.40
CA PHE B 144 -30.30 5.00 -39.70
C PHE B 144 -29.25 4.90 -38.61
N TYR B 145 -28.33 5.87 -38.61
CA TYR B 145 -27.34 6.02 -37.56
C TYR B 145 -27.39 7.46 -37.05
N PRO B 146 -27.23 7.70 -35.74
CA PRO B 146 -27.07 6.74 -34.63
C PRO B 146 -28.37 6.03 -34.29
N GLY B 147 -28.45 5.39 -33.13
CA GLY B 147 -29.62 4.59 -32.80
C GLY B 147 -30.84 5.41 -32.40
N ALA B 148 -30.64 6.56 -31.76
CA ALA B 148 -31.75 7.39 -31.30
C ALA B 148 -32.82 7.51 -32.38
N VAL B 149 -34.05 7.18 -32.02
CA VAL B 149 -35.17 7.26 -32.96
C VAL B 149 -36.47 7.28 -32.16
N THR B 150 -37.39 8.15 -32.56
CA THR B 150 -38.72 8.24 -31.96
C THR B 150 -39.76 7.82 -32.98
N VAL B 151 -40.81 7.15 -32.52
CA VAL B 151 -41.91 6.70 -33.37
C VAL B 151 -43.22 7.19 -32.77
N ALA B 152 -44.04 7.83 -33.60
CA ALA B 152 -45.37 8.26 -33.20
C ALA B 152 -46.38 7.81 -34.23
N TRP B 153 -47.60 7.53 -33.77
CA TRP B 153 -48.68 7.07 -34.64
C TRP B 153 -49.81 8.10 -34.63
N LYS B 154 -50.50 8.20 -35.76
CA LYS B 154 -51.65 9.10 -35.85
C LYS B 154 -52.71 8.51 -36.77
N ALA B 155 -53.96 8.53 -36.30
CA ALA B 155 -55.12 8.11 -37.10
C ALA B 155 -55.95 9.36 -37.39
N ASP B 156 -56.04 9.72 -38.67
CA ASP B 156 -56.71 10.96 -39.08
C ASP B 156 -56.10 12.16 -38.35
N GLY B 157 -54.79 12.12 -38.14
CA GLY B 157 -54.08 13.22 -37.53
C GLY B 157 -54.10 13.25 -36.02
N SER B 158 -54.90 12.39 -35.36
CA SER B 158 -54.92 12.40 -33.91
C SER B 158 -53.92 11.38 -33.36
N PRO B 159 -53.14 11.71 -32.33
CA PRO B 159 -52.17 10.75 -31.80
C PRO B 159 -52.84 9.47 -31.29
N VAL B 160 -52.22 8.34 -31.60
CA VAL B 160 -52.62 7.04 -31.10
C VAL B 160 -51.55 6.55 -30.13
N LYS B 161 -51.96 6.22 -28.90
CA LYS B 161 -51.03 5.73 -27.89
C LYS B 161 -51.44 4.37 -27.32
N VAL B 162 -52.64 3.89 -27.60
CA VAL B 162 -53.10 2.59 -27.14
C VAL B 162 -52.84 1.59 -28.27
N GLY B 163 -52.28 0.44 -27.93
CA GLY B 163 -52.03 -0.58 -28.92
C GLY B 163 -50.79 -0.33 -29.76
N VAL B 164 -49.78 0.33 -29.20
CA VAL B 164 -48.54 0.62 -29.90
C VAL B 164 -47.41 -0.20 -29.27
N GLU B 165 -46.69 -0.95 -30.10
CA GLU B 165 -45.55 -1.76 -29.64
C GLU B 165 -44.35 -1.45 -30.51
N THR B 166 -43.31 -0.85 -29.92
CA THR B 166 -42.11 -0.48 -30.64
C THR B 166 -40.88 -1.10 -29.99
N THR B 167 -39.83 -1.29 -30.79
CA THR B 167 -38.59 -1.90 -30.34
C THR B 167 -37.52 -0.84 -30.12
N LYS B 168 -36.51 -1.20 -29.32
CA LYS B 168 -35.33 -0.36 -29.22
C LYS B 168 -34.41 -0.61 -30.41
N PRO B 169 -33.85 0.44 -31.01
CA PRO B 169 -33.04 0.25 -32.23
C PRO B 169 -31.95 -0.80 -32.08
N SER B 170 -31.98 -1.80 -32.95
CA SER B 170 -31.00 -2.87 -32.98
C SER B 170 -29.96 -2.64 -34.06
N LYS B 171 -28.81 -3.28 -33.91
CA LYS B 171 -27.69 -3.09 -34.82
C LYS B 171 -27.82 -3.99 -36.05
N GLN B 172 -27.74 -3.40 -37.23
CA GLN B 172 -27.80 -4.15 -38.47
C GLN B 172 -26.45 -4.81 -38.76
N SER B 173 -26.44 -5.65 -39.80
CA SER B 173 -25.22 -6.27 -40.29
C SER B 173 -24.27 -5.26 -40.93
N ASN B 174 -24.74 -4.04 -41.20
CA ASN B 174 -23.91 -2.99 -41.78
C ASN B 174 -23.50 -1.95 -40.74
N ASN B 175 -23.56 -2.30 -39.45
CA ASN B 175 -23.14 -1.42 -38.36
C ASN B 175 -24.02 -0.18 -38.26
N LYS B 176 -25.26 -0.28 -38.71
CA LYS B 176 -26.19 0.83 -38.61
C LYS B 176 -27.31 0.42 -37.67
N TYR B 177 -28.56 0.81 -37.92
CA TYR B 177 -29.65 0.44 -37.03
C TYR B 177 -30.95 0.23 -37.79
N ALA B 178 -31.83 -0.57 -37.18
CA ALA B 178 -33.17 -0.79 -37.66
C ALA B 178 -34.10 -0.92 -36.45
N ALA B 179 -35.39 -0.78 -36.70
CA ALA B 179 -36.39 -0.82 -35.65
C ALA B 179 -37.73 -1.20 -36.28
N SER B 180 -38.68 -1.55 -35.43
CA SER B 180 -40.00 -1.98 -35.87
C SER B 180 -41.05 -1.50 -34.89
N SER B 181 -42.18 -1.05 -35.43
CA SER B 181 -43.31 -0.61 -34.63
C SER B 181 -44.58 -1.24 -35.18
N TYR B 182 -45.52 -1.52 -34.28
CA TYR B 182 -46.76 -2.19 -34.62
C TYR B 182 -47.92 -1.45 -33.96
N LEU B 183 -48.97 -1.23 -34.73
CA LEU B 183 -50.22 -0.67 -34.23
C LEU B 183 -51.28 -1.76 -34.37
N SER B 184 -51.79 -2.22 -33.24
CA SER B 184 -52.80 -3.28 -33.21
C SER B 184 -54.19 -2.66 -33.16
N LEU B 185 -55.05 -3.12 -34.07
CA LEU B 185 -56.41 -2.63 -34.18
C LEU B 185 -57.34 -3.78 -34.49
N THR B 186 -58.59 -3.56 -34.31
CA THR B 186 -59.63 -4.45 -34.79
C THR B 186 -60.04 -4.03 -36.20
N PRO B 187 -60.48 -4.96 -37.05
CA PRO B 187 -60.86 -4.56 -38.41
C PRO B 187 -61.78 -3.37 -38.47
N GLU B 188 -62.73 -3.28 -37.54
CA GLU B 188 -63.67 -2.15 -37.56
C GLU B 188 -62.96 -0.84 -37.24
N GLN B 189 -62.07 -0.86 -36.25
CA GLN B 189 -61.27 0.33 -35.95
C GLN B 189 -60.46 0.75 -37.17
N TRP B 190 -59.78 -0.20 -37.81
CA TRP B 190 -58.95 0.13 -38.97
C TRP B 190 -59.78 0.71 -40.10
N LYS B 191 -60.99 0.19 -40.31
CA LYS B 191 -61.85 0.70 -41.37
C LYS B 191 -62.54 2.02 -41.00
N SER B 192 -62.65 2.33 -39.71
CA SER B 192 -63.41 3.50 -39.28
C SER B 192 -62.68 4.82 -39.48
N HIS B 193 -61.38 4.81 -39.74
CA HIS B 193 -60.63 6.01 -40.07
C HIS B 193 -60.23 5.97 -41.53
N ARG B 194 -59.77 7.12 -42.04
CA ARG B 194 -59.42 7.24 -43.45
C ARG B 194 -57.94 7.10 -43.72
N SER B 195 -57.10 7.23 -42.70
CA SER B 195 -55.67 7.11 -42.88
C SER B 195 -55.01 6.87 -41.54
N TYR B 196 -53.97 6.07 -41.55
CA TYR B 196 -53.08 5.90 -40.41
C TYR B 196 -51.67 6.22 -40.87
N SER B 197 -50.86 6.76 -39.96
CA SER B 197 -49.51 7.17 -40.32
C SER B 197 -48.57 6.91 -39.16
N CYS B 198 -47.35 6.48 -39.50
CA CYS B 198 -46.25 6.40 -38.55
C CYS B 198 -45.21 7.45 -38.92
N ARG B 199 -44.75 8.19 -37.91
CA ARG B 199 -43.76 9.25 -38.07
C ARG B 199 -42.53 8.85 -37.28
N VAL B 200 -41.39 8.83 -37.95
CA VAL B 200 -40.12 8.40 -37.37
C VAL B 200 -39.23 9.65 -37.32
N THR B 201 -38.92 10.09 -36.12
CA THR B 201 -38.06 11.25 -35.90
C THR B 201 -36.65 10.79 -35.58
N HIS B 202 -35.66 11.40 -36.22
CA HIS B 202 -34.26 11.03 -36.04
C HIS B 202 -33.42 12.28 -36.28
N GLU B 203 -32.70 12.72 -35.25
CA GLU B 203 -31.83 13.89 -35.33
C GLU B 203 -32.56 15.07 -35.98
N GLY B 204 -33.80 15.30 -35.54
CA GLY B 204 -34.58 16.43 -35.99
C GLY B 204 -35.26 16.28 -37.33
N SER B 205 -34.95 15.24 -38.09
CA SER B 205 -35.60 15.00 -39.39
C SER B 205 -36.62 13.88 -39.22
N THR B 206 -37.82 14.10 -39.73
CA THR B 206 -38.92 13.18 -39.55
C THR B 206 -39.35 12.61 -40.90
N VAL B 207 -39.49 11.30 -40.96
CA VAL B 207 -40.00 10.59 -42.14
C VAL B 207 -41.38 10.06 -41.77
N GLU B 208 -42.39 10.45 -42.54
CA GLU B 208 -43.77 10.06 -42.26
C GLU B 208 -44.25 9.15 -43.38
N LYS B 209 -44.92 8.06 -43.00
CA LYS B 209 -45.53 7.15 -43.97
C LYS B 209 -46.98 6.90 -43.59
N THR B 210 -47.84 6.86 -44.60
CA THR B 210 -49.29 6.80 -44.42
C THR B 210 -49.88 5.67 -45.25
N VAL B 211 -50.93 5.06 -44.70
CA VAL B 211 -51.69 4.02 -45.37
C VAL B 211 -53.17 4.33 -45.19
N ALA B 212 -53.99 3.86 -46.12
CA ALA B 212 -55.42 4.12 -46.08
C ALA B 212 -56.22 2.85 -46.36
N PRO B 213 -57.35 2.64 -45.67
CA PRO B 213 -58.18 1.46 -45.93
C PRO B 213 -58.76 1.46 -47.34
N VAL C 1 -1.51 -14.45 -13.07
CA VAL C 1 -0.92 -13.61 -12.00
C VAL C 1 0.35 -14.26 -11.45
N PRO C 2 1.42 -13.48 -11.29
CA PRO C 2 2.64 -14.03 -10.68
C PRO C 2 2.48 -14.20 -9.18
N ILE C 3 3.17 -15.23 -8.65
CA ILE C 3 3.10 -15.47 -7.21
C ILE C 3 3.70 -14.30 -6.45
N GLN C 4 4.66 -13.59 -7.06
CA GLN C 4 5.22 -12.40 -6.45
C GLN C 4 4.12 -11.36 -6.19
N LYS C 5 3.23 -11.19 -7.16
CA LYS C 5 2.15 -10.21 -6.99
C LYS C 5 1.13 -10.68 -5.96
N VAL C 6 0.94 -12.01 -5.85
CA VAL C 6 0.07 -12.55 -4.82
C VAL C 6 0.65 -12.25 -3.44
N GLN C 7 1.96 -12.47 -3.27
CA GLN C 7 2.59 -12.14 -2.00
C GLN C 7 2.46 -10.65 -1.70
N ASP C 8 2.68 -9.80 -2.70
CA ASP C 8 2.58 -8.36 -2.49
C ASP C 8 1.17 -7.98 -2.04
N ASP C 9 0.14 -8.53 -2.71
CA ASP C 9 -1.23 -8.18 -2.35
C ASP C 9 -1.63 -8.76 -1.00
N THR C 10 -1.11 -9.93 -0.64
CA THR C 10 -1.39 -10.48 0.69
C THR C 10 -0.79 -9.59 1.78
N LYS C 11 0.46 -9.18 1.61
CA LYS C 11 1.07 -8.27 2.59
C LYS C 11 0.31 -6.95 2.65
N THR C 12 -0.11 -6.43 1.50
CA THR C 12 -0.85 -5.18 1.49
C THR C 12 -2.19 -5.31 2.20
N LEU C 13 -2.90 -6.41 1.97
CA LEU C 13 -4.17 -6.63 2.67
C LEU C 13 -3.94 -6.76 4.17
N ILE C 14 -2.85 -7.42 4.57
CA ILE C 14 -2.52 -7.52 5.99
C ILE C 14 -2.32 -6.13 6.59
N LYS C 15 -1.53 -5.29 5.91
CA LYS C 15 -1.29 -3.94 6.41
C LYS C 15 -2.60 -3.15 6.49
N THR C 16 -3.47 -3.31 5.49
CA THR C 16 -4.77 -2.65 5.51
C THR C 16 -5.55 -3.05 6.75
N ILE C 17 -5.62 -4.35 7.01
CA ILE C 17 -6.39 -4.84 8.15
C ILE C 17 -5.79 -4.32 9.46
N VAL C 18 -4.46 -4.29 9.54
CA VAL C 18 -3.81 -3.82 10.76
C VAL C 18 -4.14 -2.35 11.01
N THR C 19 -4.06 -1.54 9.95
CA THR C 19 -4.37 -0.12 10.11
C THR C 19 -5.85 0.09 10.43
N ARG C 20 -6.73 -0.75 9.89
CA ARG C 20 -8.16 -0.64 10.24
C ARG C 20 -8.39 -0.97 11.70
N ILE C 21 -7.72 -2.00 12.21
CA ILE C 21 -7.82 -2.33 13.64
C ILE C 21 -7.30 -1.17 14.48
N ASN C 22 -6.20 -0.54 14.03
CA ASN C 22 -5.73 0.66 14.71
C ASN C 22 -6.81 1.73 14.72
N ASP C 23 -7.51 1.91 13.59
CA ASP C 23 -8.52 2.96 13.49
C ASP C 23 -9.68 2.68 14.44
N ILE C 24 -9.99 1.41 14.70
CA ILE C 24 -11.10 1.12 15.61
C ILE C 24 -10.81 1.65 17.00
N SER C 25 -9.53 1.71 17.39
CA SER C 25 -9.13 2.26 18.67
C SER C 25 -8.91 3.77 18.57
N ILE C 48 0.61 -18.00 12.19
CA ILE C 48 1.59 -18.58 13.10
C ILE C 48 2.94 -18.71 12.40
N LEU C 49 3.12 -19.78 11.63
CA LEU C 49 4.40 -20.05 10.97
C LEU C 49 4.18 -20.57 9.56
N THR C 50 3.68 -21.80 9.42
CA THR C 50 3.38 -22.33 8.10
C THR C 50 2.06 -21.74 7.59
N LEU C 51 1.78 -21.98 6.30
CA LEU C 51 0.53 -21.47 5.73
C LEU C 51 -0.68 -22.13 6.39
N SER C 52 -0.57 -23.42 6.73
CA SER C 52 -1.70 -24.11 7.35
C SER C 52 -2.03 -23.51 8.71
N LYS C 53 -1.01 -23.21 9.51
CA LYS C 53 -1.27 -22.63 10.82
C LYS C 53 -1.85 -21.22 10.71
N MET C 54 -1.41 -20.45 9.70
CA MET C 54 -2.01 -19.15 9.46
C MET C 54 -3.48 -19.27 9.07
N ASP C 55 -3.78 -20.20 8.17
CA ASP C 55 -5.16 -20.43 7.76
C ASP C 55 -6.02 -20.83 8.97
N GLN C 56 -5.47 -21.67 9.84
CA GLN C 56 -6.19 -22.08 11.05
C GLN C 56 -6.42 -20.90 12.00
N THR C 57 -5.39 -20.08 12.20
CA THR C 57 -5.53 -18.91 13.05
C THR C 57 -6.61 -17.98 12.52
N LEU C 58 -6.61 -17.74 11.22
CA LEU C 58 -7.62 -16.84 10.65
C LEU C 58 -9.01 -17.44 10.70
N ALA C 59 -9.13 -18.76 10.54
CA ALA C 59 -10.44 -19.40 10.71
C ALA C 59 -10.96 -19.21 12.13
N VAL C 60 -10.09 -19.42 13.13
CA VAL C 60 -10.52 -19.24 14.52
C VAL C 60 -10.92 -17.79 14.77
N TYR C 61 -10.15 -16.85 14.25
CA TYR C 61 -10.50 -15.44 14.44
C TYR C 61 -11.81 -15.10 13.74
N GLN C 62 -12.07 -15.70 12.58
CA GLN C 62 -13.37 -15.51 11.94
C GLN C 62 -14.49 -16.00 12.82
N GLN C 63 -14.34 -17.21 13.39
CA GLN C 63 -15.36 -17.74 14.27
C GLN C 63 -15.59 -16.84 15.47
N ILE C 64 -14.51 -16.28 16.02
CA ILE C 64 -14.65 -15.36 17.14
C ILE C 64 -15.41 -14.10 16.71
N LEU C 65 -14.96 -13.48 15.61
CA LEU C 65 -15.54 -12.22 15.18
C LEU C 65 -17.01 -12.37 14.81
N THR C 66 -17.42 -13.55 14.37
CA THR C 66 -18.83 -13.75 14.02
C THR C 66 -19.73 -13.69 15.25
N SER C 67 -19.18 -13.86 16.45
CA SER C 67 -19.97 -13.85 17.67
C SER C 67 -20.15 -12.46 18.26
N MET C 68 -19.41 -11.46 17.76
CA MET C 68 -19.48 -10.09 18.27
C MET C 68 -19.67 -9.13 17.09
N PRO C 69 -20.79 -9.24 16.38
CA PRO C 69 -20.92 -8.53 15.10
C PRO C 69 -21.21 -7.05 15.29
N SER C 70 -20.34 -6.22 14.73
CA SER C 70 -20.56 -4.78 14.65
C SER C 70 -20.30 -4.40 13.19
N ARG C 71 -20.07 -3.11 12.96
CA ARG C 71 -19.71 -2.67 11.61
C ARG C 71 -18.29 -3.13 11.27
N ASN C 72 -17.32 -2.67 12.06
CA ASN C 72 -15.92 -3.02 11.81
C ASN C 72 -15.64 -4.51 11.99
N VAL C 73 -16.37 -5.20 12.87
CA VAL C 73 -16.06 -6.61 13.08
C VAL C 73 -16.50 -7.46 11.89
N ILE C 74 -17.71 -7.21 11.38
CA ILE C 74 -18.13 -7.88 10.14
C ILE C 74 -17.15 -7.56 9.03
N GLN C 75 -16.74 -6.29 8.93
CA GLN C 75 -15.82 -5.91 7.87
C GLN C 75 -14.49 -6.64 8.00
N ILE C 76 -13.97 -6.76 9.22
CA ILE C 76 -12.70 -7.45 9.43
C ILE C 76 -12.83 -8.94 9.14
N SER C 77 -13.98 -9.53 9.45
CA SER C 77 -14.17 -10.95 9.16
C SER C 77 -14.19 -11.21 7.65
N ASN C 78 -14.86 -10.33 6.90
CA ASN C 78 -14.84 -10.47 5.45
C ASN C 78 -13.43 -10.27 4.90
N ASP C 79 -12.69 -9.30 5.44
CA ASP C 79 -11.31 -9.09 5.03
C ASP C 79 -10.47 -10.33 5.30
N LEU C 80 -10.70 -10.98 6.44
CA LEU C 80 -9.98 -12.21 6.76
C LEU C 80 -10.35 -13.34 5.81
N GLU C 81 -11.61 -13.39 5.37
CA GLU C 81 -11.97 -14.39 4.37
C GLU C 81 -11.15 -14.19 3.10
N ASN C 82 -11.06 -12.94 2.62
CA ASN C 82 -10.24 -12.66 1.45
C ASN C 82 -8.78 -13.02 1.70
N LEU C 83 -8.26 -12.70 2.89
CA LEU C 83 -6.87 -13.01 3.20
C LEU C 83 -6.62 -14.51 3.21
N ARG C 84 -7.58 -15.30 3.71
CA ARG C 84 -7.44 -16.75 3.67
C ARG C 84 -7.44 -17.25 2.23
N ASP C 85 -8.32 -16.70 1.40
CA ASP C 85 -8.31 -17.07 -0.02
C ASP C 85 -6.94 -16.82 -0.63
N LEU C 86 -6.32 -15.68 -0.31
CA LEU C 86 -4.99 -15.38 -0.84
C LEU C 86 -3.94 -16.35 -0.30
N LEU C 87 -4.02 -16.66 1.00
CA LEU C 87 -3.13 -17.66 1.57
C LEU C 87 -3.21 -18.97 0.81
N HIS C 88 -4.44 -19.39 0.46
CA HIS C 88 -4.58 -20.64 -0.27
C HIS C 88 -4.07 -20.55 -1.70
N VAL C 89 -4.20 -19.37 -2.32
CA VAL C 89 -3.56 -19.15 -3.62
C VAL C 89 -2.07 -19.42 -3.51
N LEU C 90 -1.43 -18.82 -2.50
CA LEU C 90 0.00 -19.06 -2.29
C LEU C 90 0.28 -20.55 -2.08
N ALA C 91 -0.44 -21.18 -1.16
CA ALA C 91 -0.24 -22.58 -0.88
C ALA C 91 -0.28 -23.41 -2.15
N PHE C 92 -1.29 -23.19 -2.99
CA PHE C 92 -1.41 -23.95 -4.22
C PHE C 92 -0.27 -23.62 -5.18
N SER C 93 0.26 -22.39 -5.12
CA SER C 93 1.43 -22.08 -5.91
C SER C 93 2.67 -22.80 -5.42
N LYS C 94 2.66 -23.26 -4.16
CA LYS C 94 3.79 -24.00 -3.60
C LYS C 94 3.61 -25.52 -3.70
N SER C 95 2.67 -25.99 -4.52
CA SER C 95 2.46 -27.41 -4.78
C SER C 95 2.27 -28.17 -3.47
N CYS C 96 1.28 -27.73 -2.69
CA CYS C 96 0.94 -28.39 -1.44
C CYS C 96 -0.46 -27.98 -1.02
N HIS C 97 -1.28 -28.97 -0.66
CA HIS C 97 -2.66 -28.71 -0.30
C HIS C 97 -2.81 -28.49 1.20
N LEU C 98 -3.74 -27.61 1.56
CA LEU C 98 -4.14 -27.41 2.94
C LEU C 98 -5.58 -26.93 2.93
N PRO C 99 -6.54 -27.86 2.88
CA PRO C 99 -7.96 -27.47 2.80
C PRO C 99 -8.41 -26.38 3.75
N GLU C 100 -9.68 -25.97 3.62
CA GLU C 100 -10.24 -24.94 4.47
C GLU C 100 -10.24 -25.37 5.92
N ALA C 101 -9.34 -24.79 6.70
CA ALA C 101 -9.26 -25.13 8.12
C ALA C 101 -10.61 -24.91 8.78
N SER C 102 -11.06 -25.91 9.53
CA SER C 102 -12.33 -25.80 10.24
C SER C 102 -12.29 -24.68 11.27
N GLY C 103 -11.22 -24.62 12.05
CA GLY C 103 -11.11 -23.64 13.10
C GLY C 103 -11.16 -24.25 14.49
N LEU C 104 -12.33 -24.17 15.11
CA LEU C 104 -12.54 -24.68 16.47
C LEU C 104 -13.21 -26.05 16.44
N GLU C 105 -13.23 -26.68 17.61
CA GLU C 105 -13.91 -27.95 17.80
C GLU C 105 -15.33 -27.79 18.33
N THR C 106 -15.62 -26.68 19.01
CA THR C 106 -16.97 -26.39 19.52
C THR C 106 -17.59 -27.60 20.19
N SER C 109 -20.33 -24.45 23.38
CA SER C 109 -20.76 -23.19 23.97
C SER C 109 -19.65 -22.15 23.90
N LEU C 110 -19.80 -21.20 22.98
CA LEU C 110 -18.77 -20.17 22.79
C LEU C 110 -18.70 -19.25 24.00
N GLY C 111 -19.83 -18.66 24.38
CA GLY C 111 -19.88 -17.65 25.44
C GLY C 111 -19.00 -17.94 26.63
N GLY C 112 -19.05 -19.17 27.15
CA GLY C 112 -18.23 -19.55 28.28
C GLY C 112 -16.75 -19.30 28.02
N VAL C 113 -16.19 -20.00 27.04
CA VAL C 113 -14.76 -19.85 26.76
C VAL C 113 -14.42 -18.40 26.45
N LEU C 114 -15.26 -17.72 25.66
CA LEU C 114 -14.94 -16.36 25.25
C LEU C 114 -14.85 -15.42 26.44
N GLU C 115 -15.84 -15.47 27.34
CA GLU C 115 -15.85 -14.59 28.49
C GLU C 115 -14.67 -14.87 29.41
N ALA C 116 -14.44 -16.14 29.73
CA ALA C 116 -13.44 -16.51 30.72
C ALA C 116 -12.11 -16.84 30.06
N SER C 117 -11.04 -16.23 30.57
CA SER C 117 -9.68 -16.48 30.11
C SER C 117 -9.63 -16.67 28.59
N GLY C 118 -10.25 -15.73 27.88
CA GLY C 118 -10.35 -15.83 26.43
C GLY C 118 -10.42 -14.49 25.74
N TYR C 119 -11.49 -14.28 24.98
CA TYR C 119 -11.64 -13.07 24.16
C TYR C 119 -12.86 -12.28 24.61
N SER C 120 -13.92 -12.27 23.79
CA SER C 120 -15.21 -11.65 24.10
C SER C 120 -15.11 -10.13 24.03
N THR C 121 -14.30 -9.52 24.88
CA THR C 121 -14.02 -8.10 24.77
C THR C 121 -13.58 -7.81 23.34
N GLU C 122 -14.38 -7.01 22.63
CA GLU C 122 -14.10 -6.76 21.22
C GLU C 122 -12.70 -6.19 21.01
N VAL C 123 -12.28 -5.29 21.89
CA VAL C 123 -10.95 -4.68 21.75
C VAL C 123 -9.87 -5.74 21.95
N VAL C 124 -10.03 -6.61 22.95
CA VAL C 124 -9.03 -7.65 23.21
C VAL C 124 -8.91 -8.58 22.01
N ALA C 125 -10.04 -8.99 21.44
CA ALA C 125 -10.02 -9.84 20.26
C ALA C 125 -9.30 -9.17 19.11
N LEU C 126 -9.66 -7.90 18.83
CA LEU C 126 -9.04 -7.21 17.72
C LEU C 126 -7.55 -6.99 17.94
N SER C 127 -7.11 -6.84 19.20
CA SER C 127 -5.69 -6.67 19.48
C SER C 127 -4.93 -7.98 19.26
N ARG C 128 -5.48 -9.08 19.77
CA ARG C 128 -4.87 -10.39 19.51
C ARG C 128 -4.78 -10.65 18.00
N LEU C 129 -5.82 -10.27 17.26
CA LEU C 129 -5.81 -10.45 15.82
C LEU C 129 -4.76 -9.58 15.15
N GLN C 130 -4.61 -8.34 15.61
CA GLN C 130 -3.55 -7.47 15.09
C GLN C 130 -2.19 -8.08 15.32
N GLY C 131 -1.95 -8.64 16.50
CA GLY C 131 -0.67 -9.29 16.76
C GLY C 131 -0.43 -10.48 15.86
N SER C 132 -1.45 -11.32 15.68
CA SER C 132 -1.30 -12.49 14.81
C SER C 132 -1.00 -12.06 13.38
N LEU C 133 -1.69 -11.03 12.89
CA LEU C 133 -1.41 -10.54 11.54
C LEU C 133 0.00 -9.98 11.43
N GLN C 134 0.46 -9.25 12.45
CA GLN C 134 1.82 -8.72 12.40
C GLN C 134 2.85 -9.83 12.38
N ASP C 135 2.58 -10.94 13.07
CA ASP C 135 3.50 -12.08 12.99
C ASP C 135 3.46 -12.73 11.62
N MET C 136 2.25 -12.90 11.07
CA MET C 136 2.12 -13.44 9.73
C MET C 136 2.85 -12.61 8.70
N LEU C 137 2.91 -11.29 8.90
CA LEU C 137 3.63 -10.40 7.99
C LEU C 137 5.10 -10.82 7.86
N TRP C 138 5.80 -10.89 8.99
CA TRP C 138 7.19 -11.32 9.00
C TRP C 138 7.34 -12.73 8.43
N GLN C 139 6.44 -13.64 8.84
CA GLN C 139 6.56 -15.03 8.40
C GLN C 139 6.41 -15.13 6.89
N LEU C 140 5.50 -14.35 6.30
CA LEU C 140 5.34 -14.37 4.86
C LEU C 140 6.55 -13.76 4.17
N ASP C 141 7.16 -12.75 4.80
CA ASP C 141 8.43 -12.24 4.27
C ASP C 141 9.52 -13.30 4.27
N LEU C 142 9.42 -14.31 5.14
CA LEU C 142 10.45 -15.34 5.23
C LEU C 142 10.20 -16.56 4.33
N SER C 143 9.25 -16.49 3.40
CA SER C 143 8.91 -17.64 2.56
C SER C 143 8.68 -18.87 3.43
N PRO C 144 7.59 -18.92 4.17
CA PRO C 144 7.38 -20.00 5.15
C PRO C 144 6.97 -21.30 4.46
N GLY C 145 6.88 -22.35 5.29
CA GLY C 145 6.51 -23.66 4.82
C GLY C 145 5.07 -23.73 4.34
N CYS C 146 4.47 -24.92 4.42
CA CYS C 146 3.10 -25.13 3.98
C CYS C 146 2.27 -25.80 5.07
N GLN D 1 36.00 2.62 -3.98
CA GLN D 1 35.12 2.66 -2.78
C GLN D 1 34.85 4.10 -2.37
N VAL D 2 33.57 4.44 -2.17
CA VAL D 2 33.22 5.79 -1.74
C VAL D 2 33.59 5.95 -0.27
N GLN D 3 34.11 7.14 0.06
CA GLN D 3 34.48 7.45 1.44
C GLN D 3 34.23 8.92 1.69
N LEU D 4 33.84 9.25 2.93
CA LEU D 4 33.64 10.63 3.37
C LEU D 4 34.62 10.93 4.50
N VAL D 5 35.48 11.91 4.28
CA VAL D 5 36.51 12.30 5.25
C VAL D 5 36.14 13.68 5.81
N GLN D 6 36.24 13.82 7.12
CA GLN D 6 35.84 15.05 7.80
C GLN D 6 37.04 15.74 8.44
N SER D 7 36.86 17.02 8.73
CA SER D 7 37.91 17.82 9.35
C SER D 7 38.17 17.32 10.78
N GLY D 8 39.19 17.92 11.42
CA GLY D 8 39.57 17.51 12.75
C GLY D 8 38.68 18.10 13.83
N ALA D 9 38.78 17.51 15.02
CA ALA D 9 38.00 17.99 16.15
C ALA D 9 38.33 19.44 16.45
N GLU D 10 37.42 20.10 17.18
CA GLU D 10 37.58 21.51 17.47
C GLU D 10 37.01 21.83 18.85
N VAL D 11 37.70 22.71 19.57
CA VAL D 11 37.23 23.24 20.84
C VAL D 11 36.96 24.72 20.65
N LYS D 12 35.77 25.16 21.07
CA LYS D 12 35.31 26.53 20.91
C LYS D 12 34.70 27.03 22.22
N LYS D 13 34.49 28.34 22.29
CA LYS D 13 33.83 28.98 23.42
C LYS D 13 32.41 29.39 23.05
N PRO D 14 31.54 29.57 24.04
CA PRO D 14 30.19 30.05 23.74
C PRO D 14 30.20 31.33 22.93
N GLY D 15 29.25 31.45 22.01
CA GLY D 15 29.10 32.61 21.17
C GLY D 15 29.82 32.52 19.84
N SER D 16 30.93 31.81 19.78
CA SER D 16 31.70 31.68 18.55
C SER D 16 30.95 30.76 17.58
N SER D 17 31.59 30.45 16.45
CA SER D 17 31.01 29.59 15.42
C SER D 17 32.04 28.55 15.00
N VAL D 18 31.56 27.53 14.29
CA VAL D 18 32.39 26.44 13.83
C VAL D 18 31.94 26.01 12.43
N LYS D 19 32.88 25.49 11.64
CA LYS D 19 32.62 25.04 10.29
C LYS D 19 33.27 23.67 10.07
N VAL D 20 32.44 22.66 9.81
CA VAL D 20 32.90 21.29 9.61
C VAL D 20 32.86 20.98 8.13
N SER D 21 33.88 20.27 7.65
CA SER D 21 34.01 19.91 6.24
C SER D 21 33.74 18.42 6.06
N CYS D 22 33.54 18.04 4.80
CA CYS D 22 33.21 16.64 4.47
C CYS D 22 33.57 16.44 2.99
N LYS D 23 34.78 15.94 2.74
CA LYS D 23 35.27 15.73 1.39
C LYS D 23 35.03 14.28 0.97
N ALA D 24 34.80 14.11 -0.33
CA ALA D 24 34.56 12.80 -0.92
C ALA D 24 35.89 12.18 -1.37
N SER D 25 35.87 10.86 -1.51
CA SER D 25 37.05 10.12 -1.97
C SER D 25 36.65 9.04 -2.97
N PHE D 29 29.77 12.22 -6.67
CA PHE D 29 29.42 12.98 -5.48
C PHE D 29 28.29 13.98 -5.68
N SER D 30 28.29 14.66 -6.84
CA SER D 30 27.33 15.74 -7.03
C SER D 30 25.92 15.21 -7.20
N SER D 31 25.76 14.00 -7.74
CA SER D 31 24.44 13.45 -7.97
C SER D 31 23.77 13.00 -6.68
N TYR D 32 24.56 12.68 -5.65
CA TYR D 32 24.02 12.17 -4.41
C TYR D 32 23.65 13.30 -3.44
N ALA D 33 23.11 12.92 -2.29
CA ALA D 33 22.72 13.85 -1.24
C ALA D 33 23.59 13.64 -0.01
N ILE D 34 23.93 14.74 0.67
CA ILE D 34 24.79 14.73 1.84
C ILE D 34 23.97 15.25 3.01
N SER D 35 23.80 14.42 4.04
CA SER D 35 23.07 14.79 5.25
C SER D 35 24.03 15.02 6.40
N TRP D 36 23.66 15.96 7.27
CA TRP D 36 24.41 16.29 8.47
C TRP D 36 23.58 15.88 9.67
N VAL D 37 24.18 15.05 10.54
CA VAL D 37 23.54 14.45 11.71
C VAL D 37 24.45 14.66 12.91
N ARG D 38 23.92 15.21 14.00
CA ARG D 38 24.72 15.35 15.21
C ARG D 38 24.35 14.28 16.24
N GLN D 39 25.28 14.05 17.17
CA GLN D 39 25.10 13.10 18.26
C GLN D 39 25.78 13.65 19.49
N ALA D 40 24.99 14.05 20.48
CA ALA D 40 25.54 14.50 21.74
C ALA D 40 25.93 13.30 22.61
N PRO D 41 26.73 13.52 23.65
CA PRO D 41 27.06 12.42 24.58
C PRO D 41 25.79 11.87 25.22
N GLY D 42 25.64 10.54 25.13
CA GLY D 42 24.50 9.88 25.72
C GLY D 42 23.17 10.10 25.03
N GLN D 43 23.12 10.94 24.01
CA GLN D 43 21.93 11.13 23.21
C GLN D 43 22.03 10.35 21.91
N GLY D 44 20.94 10.35 21.14
CA GLY D 44 20.87 9.63 19.89
C GLY D 44 21.18 10.52 18.70
N LEU D 45 21.09 9.90 17.52
CA LEU D 45 21.29 10.63 16.28
C LEU D 45 20.19 11.67 16.10
N GLU D 46 20.57 12.84 15.61
CA GLU D 46 19.62 13.93 15.34
C GLU D 46 19.85 14.44 13.93
N TRP D 47 18.86 14.28 13.07
CA TRP D 47 18.95 14.80 11.71
C TRP D 47 18.94 16.33 11.74
N MET D 48 20.07 16.93 11.36
CA MET D 48 20.17 18.38 11.31
C MET D 48 19.81 18.93 9.94
N GLY D 49 20.19 18.24 8.86
CA GLY D 49 19.79 18.72 7.55
C GLY D 49 20.45 17.92 6.44
N GLY D 50 20.36 18.49 5.23
CA GLY D 50 20.95 17.87 4.07
C GLY D 50 21.06 18.84 2.92
N ILE D 51 21.71 18.37 1.85
CA ILE D 51 21.93 19.19 0.66
C ILE D 51 22.35 18.26 -0.47
N ILE D 52 21.84 18.54 -1.67
CA ILE D 52 22.26 17.84 -2.88
C ILE D 52 23.18 18.79 -3.65
N PRO D 53 24.49 18.50 -3.75
CA PRO D 53 25.40 19.51 -4.33
C PRO D 53 25.04 19.92 -5.74
N ILE D 54 24.72 18.98 -6.61
CA ILE D 54 24.46 19.32 -8.02
C ILE D 54 23.37 20.38 -8.12
N PHE D 55 22.37 20.33 -7.24
CA PHE D 55 21.29 21.31 -7.26
C PHE D 55 21.58 22.54 -6.43
N GLY D 56 22.35 22.41 -5.34
CA GLY D 56 22.77 23.54 -4.55
C GLY D 56 21.83 23.95 -3.44
N THR D 57 20.60 23.45 -3.41
CA THR D 57 19.62 23.85 -2.41
C THR D 57 19.64 22.88 -1.24
N ALA D 58 19.62 23.45 -0.03
CA ALA D 58 19.72 22.70 1.21
C ALA D 58 18.39 22.69 1.96
N ASN D 59 18.29 21.75 2.90
CA ASN D 59 17.13 21.60 3.77
C ASN D 59 17.62 21.47 5.20
N TYR D 60 16.93 22.15 6.12
CA TYR D 60 17.37 22.22 7.52
C TYR D 60 16.24 21.79 8.44
N ALA D 61 16.59 20.96 9.43
CA ALA D 61 15.65 20.65 10.49
C ALA D 61 15.16 21.92 11.15
N GLN D 62 13.88 21.95 11.48
CA GLN D 62 13.31 23.14 12.11
C GLN D 62 14.03 23.50 13.40
N LYS D 63 14.60 22.49 14.08
CA LYS D 63 15.25 22.73 15.37
C LYS D 63 16.47 23.64 15.21
N PHE D 64 17.33 23.35 14.25
CA PHE D 64 18.55 24.10 14.04
C PHE D 64 18.37 25.25 13.06
N GLN D 65 17.15 25.49 12.59
CA GLN D 65 16.92 26.55 11.63
C GLN D 65 17.24 27.90 12.26
N GLY D 66 17.98 28.72 11.53
CA GLY D 66 18.43 30.00 12.01
C GLY D 66 19.86 30.01 12.53
N ARG D 67 20.43 28.84 12.81
CA ARG D 67 21.77 28.73 13.35
C ARG D 67 22.70 27.86 12.52
N VAL D 68 22.19 27.12 11.54
CA VAL D 68 22.99 26.22 10.72
C VAL D 68 22.91 26.65 9.26
N THR D 69 24.03 26.53 8.55
CA THR D 69 24.08 26.77 7.12
C THR D 69 24.84 25.63 6.48
N ILE D 70 24.21 24.94 5.53
CA ILE D 70 24.80 23.80 4.85
C ILE D 70 25.11 24.22 3.42
N THR D 71 26.37 24.07 3.02
CA THR D 71 26.82 24.44 1.70
C THR D 71 27.56 23.26 1.09
N ALA D 72 27.78 23.32 -0.23
CA ALA D 72 28.49 22.26 -0.92
C ALA D 72 29.30 22.88 -2.05
N ASP D 73 30.51 22.38 -2.23
CA ASP D 73 31.41 22.81 -3.30
C ASP D 73 31.62 21.57 -4.16
N GLU D 74 30.87 21.49 -5.26
CA GLU D 74 30.94 20.30 -6.12
C GLU D 74 32.31 20.15 -6.76
N SER D 75 33.00 21.26 -7.04
CA SER D 75 34.34 21.18 -7.59
C SER D 75 35.24 20.32 -6.70
N THR D 76 35.46 20.75 -5.47
CA THR D 76 36.21 19.94 -4.51
C THR D 76 35.38 18.77 -3.98
N SER D 77 34.12 18.66 -4.38
CA SER D 77 33.21 17.62 -3.89
C SER D 77 33.24 17.57 -2.36
N THR D 78 33.08 18.73 -1.76
CA THR D 78 33.19 18.88 -0.31
C THR D 78 31.98 19.62 0.22
N ALA D 79 31.28 19.01 1.18
CA ALA D 79 30.20 19.68 1.89
C ALA D 79 30.75 20.39 3.11
N TYR D 80 30.05 21.45 3.51
CA TYR D 80 30.42 22.22 4.69
C TYR D 80 29.16 22.50 5.50
N MET D 81 29.28 22.40 6.81
CA MET D 81 28.20 22.72 7.74
C MET D 81 28.73 23.72 8.75
N GLU D 82 28.16 24.93 8.74
CA GLU D 82 28.59 26.01 9.60
C GLU D 82 27.51 26.24 10.66
N LEU D 83 27.90 26.17 11.93
CA LEU D 83 27.01 26.38 13.05
C LEU D 83 27.49 27.61 13.83
N SER D 84 26.61 28.59 13.98
CA SER D 84 26.91 29.84 14.65
C SER D 84 26.19 29.92 15.99
N SER D 85 26.66 30.85 16.83
CA SER D 85 26.08 31.07 18.15
C SER D 85 26.15 29.81 19.00
N LEU D 86 27.36 29.25 19.11
CA LEU D 86 27.55 27.99 19.80
C LEU D 86 27.16 28.10 21.27
N ARG D 87 26.42 27.11 21.75
CA ARG D 87 26.05 26.99 23.15
C ARG D 87 26.72 25.76 23.75
N SER D 88 26.59 25.62 25.07
CA SER D 88 27.14 24.43 25.72
C SER D 88 26.49 23.16 25.19
N GLU D 89 25.22 23.22 24.80
CA GLU D 89 24.49 22.03 24.40
C GLU D 89 24.93 21.48 23.05
N ASP D 90 25.60 22.28 22.23
CA ASP D 90 26.02 21.81 20.92
C ASP D 90 27.19 20.84 20.97
N THR D 91 27.86 20.74 22.12
CA THR D 91 28.98 19.81 22.24
C THR D 91 28.54 18.43 21.79
N ALA D 92 29.14 17.94 20.70
CA ALA D 92 28.65 16.71 20.09
C ALA D 92 29.57 16.31 18.94
N VAL D 93 29.32 15.11 18.42
CA VAL D 93 30.00 14.62 17.22
C VAL D 93 29.07 14.83 16.04
N TYR D 94 29.58 15.47 15.01
CA TYR D 94 28.80 15.82 13.82
C TYR D 94 29.27 14.94 12.67
N TYR D 95 28.35 14.14 12.13
CA TYR D 95 28.62 13.22 11.03
C TYR D 95 28.00 13.76 9.75
N CYS D 96 28.69 13.50 8.64
CA CYS D 96 28.15 13.69 7.31
C CYS D 96 27.96 12.33 6.65
N ALA D 97 26.85 12.16 5.94
CA ALA D 97 26.48 10.85 5.40
C ALA D 97 25.90 11.00 4.01
N ARG D 98 26.42 10.19 3.08
CA ARG D 98 25.92 10.15 1.71
C ARG D 98 24.84 9.09 1.59
N SER D 99 23.76 9.46 0.91
CA SER D 99 22.58 8.62 0.73
C SER D 99 22.89 7.42 -0.16
N GLN D 100 22.01 6.42 -0.08
CA GLN D 100 22.24 5.17 -0.79
C GLN D 100 21.95 5.31 -2.28
N VAL D 101 20.76 5.81 -2.62
CA VAL D 101 20.39 6.04 -4.02
C VAL D 101 20.90 7.42 -4.42
N PRO D 102 20.81 7.81 -5.70
CA PRO D 102 21.33 9.11 -6.12
C PRO D 102 20.80 10.27 -5.28
N SER D 103 19.79 11.00 -5.74
CA SER D 103 19.41 12.28 -5.15
C SER D 103 18.14 12.10 -4.32
N SER D 104 18.26 11.36 -3.22
CA SER D 104 17.14 11.16 -2.31
C SER D 104 17.61 10.38 -1.09
N TYR D 105 16.99 10.68 0.04
CA TYR D 105 17.16 9.92 1.27
C TYR D 105 16.10 8.83 1.44
N TYR D 106 15.22 8.65 0.46
CA TYR D 106 14.12 7.70 0.59
C TYR D 106 14.62 6.31 0.94
N TYR D 107 15.84 5.95 0.54
CA TYR D 107 16.36 4.61 0.74
C TYR D 107 17.54 4.56 1.71
N GLY D 108 17.68 5.58 2.55
CA GLY D 108 18.67 5.56 3.61
C GLY D 108 19.96 6.26 3.21
N MET D 109 20.90 6.26 4.16
CA MET D 109 22.22 6.82 3.98
C MET D 109 23.25 5.75 4.28
N ASP D 110 24.00 5.35 3.25
CA ASP D 110 24.87 4.19 3.35
C ASP D 110 26.34 4.51 3.53
N VAL D 111 26.81 5.72 3.22
CA VAL D 111 28.24 6.03 3.34
C VAL D 111 28.41 7.15 4.36
N TRP D 112 28.75 6.78 5.60
CA TRP D 112 28.93 7.77 6.65
C TRP D 112 30.38 8.20 6.78
N GLY D 113 30.57 9.34 7.43
CA GLY D 113 31.89 9.84 7.76
C GLY D 113 32.32 9.35 9.13
N GLN D 114 33.53 9.76 9.53
CA GLN D 114 34.05 9.32 10.82
C GLN D 114 33.43 10.07 11.98
N GLY D 115 32.96 11.28 11.75
CA GLY D 115 32.49 12.14 12.82
C GLY D 115 33.51 13.22 13.16
N THR D 116 33.00 14.39 13.53
CA THR D 116 33.84 15.51 13.96
C THR D 116 33.38 15.94 15.34
N MET D 117 34.27 15.81 16.32
CA MET D 117 33.95 16.21 17.69
C MET D 117 34.10 17.71 17.82
N VAL D 118 33.02 18.39 18.21
CA VAL D 118 33.04 19.82 18.49
C VAL D 118 32.66 19.98 19.96
N THR D 119 33.56 20.58 20.74
CA THR D 119 33.37 20.78 22.17
C THR D 119 33.24 22.27 22.43
N VAL D 120 32.11 22.67 23.00
CA VAL D 120 31.84 24.06 23.33
C VAL D 120 31.90 24.16 24.85
N SER D 121 32.90 24.88 25.35
CA SER D 121 33.08 25.08 26.78
C SER D 121 33.77 26.41 27.01
N SER D 122 33.40 27.07 28.10
CA SER D 122 34.06 28.31 28.49
C SER D 122 35.44 28.05 29.09
N ALA D 123 35.76 26.80 29.41
CA ALA D 123 37.07 26.45 29.90
C ALA D 123 38.14 26.76 28.86
N SER D 124 39.36 27.02 29.34
CA SER D 124 40.50 27.27 28.50
C SER D 124 41.50 26.13 28.66
N THR D 125 42.37 25.98 27.65
CA THR D 125 43.39 24.94 27.69
C THR D 125 44.21 25.03 28.97
N LYS D 126 44.42 23.88 29.61
CA LYS D 126 45.25 23.77 30.80
C LYS D 126 45.76 22.34 30.89
N GLY D 127 47.02 22.21 31.27
CA GLY D 127 47.58 20.89 31.54
C GLY D 127 47.13 20.38 32.89
N PRO D 128 47.35 19.10 33.12
CA PRO D 128 46.92 18.48 34.38
C PRO D 128 47.93 18.65 35.50
N SER D 129 47.41 18.52 36.72
CA SER D 129 48.23 18.37 37.92
C SER D 129 48.23 16.88 38.29
N VAL D 130 49.41 16.29 38.37
CA VAL D 130 49.55 14.85 38.57
C VAL D 130 49.92 14.60 40.02
N PHE D 131 49.03 13.94 40.76
CA PHE D 131 49.27 13.60 42.15
C PHE D 131 49.43 12.09 42.31
N PRO D 132 50.28 11.63 43.23
CA PRO D 132 50.49 10.19 43.37
C PRO D 132 49.50 9.54 44.31
N LEU D 133 49.04 8.36 43.93
CA LEU D 133 48.16 7.52 44.75
C LEU D 133 49.06 6.42 45.30
N ALA D 134 49.57 6.64 46.50
CA ALA D 134 50.62 5.79 47.04
C ALA D 134 50.05 4.44 47.50
N PRO D 135 50.80 3.36 47.32
CA PRO D 135 50.34 2.06 47.83
C PRO D 135 50.35 2.04 49.35
N SER D 136 49.50 1.17 49.91
CA SER D 136 49.37 1.06 51.35
C SER D 136 48.38 -0.04 51.72
N GLY D 142 45.69 -9.21 48.77
CA GLY D 142 46.23 -10.55 48.92
C GLY D 142 47.55 -10.71 48.20
N GLY D 143 48.63 -10.25 48.83
CA GLY D 143 49.94 -10.23 48.21
C GLY D 143 50.08 -9.24 47.08
N THR D 144 49.05 -8.45 46.79
CA THR D 144 49.06 -7.47 45.70
C THR D 144 48.71 -6.10 46.27
N ALA D 145 49.50 -5.11 45.90
CA ALA D 145 49.25 -3.71 46.23
C ALA D 145 48.81 -2.97 44.98
N ALA D 146 48.15 -1.83 45.18
CA ALA D 146 47.65 -1.00 44.09
C ALA D 146 48.15 0.42 44.28
N LEU D 147 48.86 0.93 43.28
CA LEU D 147 49.35 2.31 43.27
C LEU D 147 48.77 2.99 42.05
N GLY D 148 48.95 4.30 41.95
CA GLY D 148 48.39 4.97 40.79
C GLY D 148 48.74 6.44 40.71
N CYS D 149 48.09 7.10 39.77
CA CYS D 149 48.26 8.52 39.51
C CYS D 149 46.90 9.16 39.27
N LEU D 150 46.72 10.37 39.80
CA LEU D 150 45.54 11.19 39.60
C LEU D 150 45.92 12.38 38.72
N VAL D 151 45.35 12.43 37.53
CA VAL D 151 45.59 13.49 36.55
C VAL D 151 44.41 14.46 36.67
N LYS D 152 44.57 15.51 37.47
CA LYS D 152 43.47 16.37 37.88
C LYS D 152 43.47 17.69 37.12
N ASP D 153 42.26 18.23 36.90
CA ASP D 153 42.05 19.61 36.47
C ASP D 153 42.83 19.91 35.18
N TYR D 154 42.34 19.34 34.09
CA TYR D 154 42.91 19.61 32.77
C TYR D 154 41.78 19.85 31.78
N PHE D 155 42.14 20.38 30.62
CA PHE D 155 41.18 20.63 29.55
C PHE D 155 41.94 20.99 28.28
N PRO D 156 41.50 20.53 27.10
CA PRO D 156 40.38 19.62 26.81
C PRO D 156 40.83 18.16 26.86
N GLU D 157 39.96 17.19 26.62
CA GLU D 157 40.43 15.83 26.40
C GLU D 157 41.36 15.81 25.19
N PRO D 158 42.22 14.78 25.07
CA PRO D 158 42.48 13.69 26.01
C PRO D 158 43.86 13.73 26.65
N VAL D 159 44.09 12.89 27.66
CA VAL D 159 45.43 12.61 28.17
C VAL D 159 45.73 11.15 27.90
N THR D 160 47.03 10.85 27.77
CA THR D 160 47.48 9.48 27.63
C THR D 160 48.39 9.15 28.81
N VAL D 161 48.32 7.92 29.30
CA VAL D 161 49.04 7.51 30.50
C VAL D 161 49.78 6.21 30.21
N SER D 162 51.10 6.24 30.38
CA SER D 162 51.93 5.04 30.32
C SER D 162 52.61 4.84 31.67
N TRP D 163 53.16 3.65 31.87
CA TRP D 163 53.83 3.31 33.11
C TRP D 163 55.20 2.73 32.77
N ASN D 164 56.24 3.22 33.45
CA ASN D 164 57.61 2.87 33.11
C ASN D 164 57.87 3.09 31.63
N SER D 165 57.23 4.12 31.07
CA SER D 165 57.39 4.56 29.69
C SER D 165 56.78 3.58 28.69
N GLY D 166 55.91 2.67 29.15
CA GLY D 166 55.25 1.71 28.30
C GLY D 166 55.68 0.28 28.50
N ALA D 167 56.75 0.04 29.26
CA ALA D 167 57.19 -1.33 29.51
C ALA D 167 56.27 -2.04 30.49
N LEU D 168 55.54 -1.30 31.31
CA LEU D 168 54.62 -1.89 32.29
C LEU D 168 53.21 -1.78 31.73
N THR D 169 52.56 -2.92 31.53
CA THR D 169 51.20 -2.95 31.01
C THR D 169 50.34 -3.92 31.82
N SER D 170 50.97 -4.94 32.41
CA SER D 170 50.24 -5.93 33.19
C SER D 170 49.66 -5.27 34.44
N GLY D 171 48.35 -5.43 34.62
CA GLY D 171 47.69 -4.94 35.81
C GLY D 171 47.35 -3.46 35.79
N VAL D 172 47.41 -2.82 34.62
CA VAL D 172 47.15 -1.39 34.49
C VAL D 172 45.67 -1.18 34.18
N HIS D 173 45.10 -0.13 34.76
CA HIS D 173 43.72 0.25 34.49
C HIS D 173 43.67 1.78 34.46
N THR D 174 43.44 2.35 33.29
CA THR D 174 43.33 3.80 33.11
C THR D 174 41.86 4.11 32.87
N PHE D 175 41.19 4.64 33.87
CA PHE D 175 39.74 4.82 33.85
C PHE D 175 39.36 5.99 32.96
N PRO D 176 38.08 6.10 32.59
CA PRO D 176 37.64 7.25 31.80
C PRO D 176 37.56 8.50 32.66
N ALA D 177 37.85 9.64 32.03
CA ALA D 177 37.87 10.89 32.77
C ALA D 177 36.46 11.25 33.24
N VAL D 178 36.41 12.15 34.22
CA VAL D 178 35.17 12.69 34.76
C VAL D 178 35.21 14.20 34.57
N LEU D 179 34.07 14.77 34.18
CA LEU D 179 33.98 16.21 33.95
C LEU D 179 33.55 16.88 35.25
N GLN D 180 34.52 17.43 35.97
CA GLN D 180 34.23 18.10 37.23
C GLN D 180 33.35 19.32 36.99
N SER D 181 32.70 19.77 38.06
CA SER D 181 31.83 20.95 37.98
C SER D 181 32.56 22.19 37.50
N SER D 182 33.89 22.21 37.57
CA SER D 182 34.68 23.38 37.19
C SER D 182 34.94 23.45 35.68
N GLY D 183 34.40 22.54 34.89
CA GLY D 183 34.67 22.49 33.48
C GLY D 183 35.94 21.74 33.10
N LEU D 184 36.76 21.38 34.07
CA LEU D 184 38.00 20.65 33.82
C LEU D 184 37.80 19.17 34.12
N TYR D 185 38.57 18.35 33.41
CA TYR D 185 38.50 16.90 33.54
C TYR D 185 39.45 16.39 34.62
N SER D 186 39.16 15.20 35.12
CA SER D 186 40.02 14.52 36.09
C SER D 186 39.98 13.03 35.78
N LEU D 187 41.15 12.40 35.86
CA LEU D 187 41.31 11.01 35.44
C LEU D 187 42.20 10.31 36.45
N SER D 188 42.07 8.98 36.50
CA SER D 188 42.90 8.16 37.38
C SER D 188 43.43 6.96 36.61
N SER D 189 44.69 6.62 36.84
CA SER D 189 45.30 5.44 36.24
C SER D 189 46.02 4.67 37.34
N VAL D 190 45.58 3.44 37.58
CA VAL D 190 46.12 2.61 38.65
C VAL D 190 46.85 1.43 38.03
N VAL D 191 47.65 0.77 38.86
CA VAL D 191 48.34 -0.46 38.49
C VAL D 191 48.54 -1.29 39.75
N THR D 192 48.34 -2.59 39.60
CA THR D 192 48.47 -3.56 40.69
C THR D 192 49.76 -4.34 40.51
N VAL D 193 50.53 -4.44 41.58
CA VAL D 193 51.85 -5.07 41.54
C VAL D 193 52.04 -5.92 42.80
N PRO D 194 52.99 -6.85 42.75
CA PRO D 194 53.33 -7.58 43.98
C PRO D 194 53.80 -6.65 45.07
N SER D 195 53.34 -6.89 46.29
CA SER D 195 53.75 -6.05 47.42
C SER D 195 55.25 -6.12 47.66
N SER D 196 55.87 -7.25 47.34
CA SER D 196 57.29 -7.44 47.60
C SER D 196 58.16 -6.58 46.69
N SER D 197 57.62 -6.09 45.58
CA SER D 197 58.41 -5.36 44.59
C SER D 197 58.48 -3.86 44.87
N LEU D 198 57.77 -3.35 45.88
CA LEU D 198 57.77 -1.92 46.11
C LEU D 198 59.12 -1.40 46.60
N GLY D 199 59.90 -2.24 47.28
CA GLY D 199 61.19 -1.80 47.77
C GLY D 199 62.26 -1.70 46.70
N THR D 200 62.19 -2.56 45.68
CA THR D 200 63.22 -2.66 44.66
C THR D 200 62.88 -1.92 43.38
N GLN D 201 61.64 -2.03 42.91
CA GLN D 201 61.25 -1.53 41.60
C GLN D 201 60.80 -0.08 41.66
N THR D 202 60.98 0.61 40.54
CA THR D 202 60.55 1.99 40.38
C THR D 202 59.35 2.03 39.43
N TYR D 203 58.27 2.64 39.88
CA TYR D 203 57.06 2.83 39.08
C TYR D 203 56.87 4.31 38.77
N ILE D 204 56.70 4.62 37.50
CA ILE D 204 56.57 5.99 37.01
C ILE D 204 55.38 6.05 36.08
N CYS D 205 54.50 7.04 36.26
CA CYS D 205 53.43 7.30 35.32
C CYS D 205 53.82 8.49 34.45
N ASN D 206 53.81 8.27 33.14
CA ASN D 206 54.09 9.31 32.15
C ASN D 206 52.75 9.73 31.54
N VAL D 207 52.31 10.93 31.89
CA VAL D 207 51.06 11.50 31.40
C VAL D 207 51.39 12.51 30.31
N ASN D 208 50.68 12.43 29.20
CA ASN D 208 50.93 13.29 28.04
C ASN D 208 49.62 13.96 27.65
N HIS D 209 49.61 15.29 27.67
CA HIS D 209 48.46 16.10 27.28
C HIS D 209 48.89 17.01 26.15
N LYS D 210 48.55 16.64 24.92
CA LYS D 210 49.04 17.35 23.73
C LYS D 210 48.38 18.71 23.55
N PRO D 211 47.10 18.89 23.91
CA PRO D 211 46.51 20.23 23.76
C PRO D 211 47.34 21.35 24.40
N SER D 212 47.84 21.15 25.62
CA SER D 212 48.70 22.11 26.28
C SER D 212 50.18 21.80 26.10
N ASN D 213 50.52 20.73 25.37
CA ASN D 213 51.92 20.38 25.12
C ASN D 213 52.65 20.05 26.41
N THR D 214 51.96 19.39 27.33
CA THR D 214 52.52 19.04 28.63
C THR D 214 52.83 17.55 28.68
N LYS D 215 53.93 17.23 29.36
CA LYS D 215 54.32 15.84 29.61
C LYS D 215 54.84 15.79 31.04
N VAL D 216 54.30 14.88 31.84
CA VAL D 216 54.60 14.81 33.26
C VAL D 216 55.01 13.39 33.59
N ASP D 217 56.25 13.23 34.07
CA ASP D 217 56.76 11.95 34.53
C ASP D 217 56.77 11.98 36.06
N LYS D 218 55.84 11.27 36.68
CA LYS D 218 55.68 11.29 38.13
C LYS D 218 55.91 9.90 38.70
N LYS D 219 56.76 9.81 39.72
CA LYS D 219 57.06 8.55 40.37
C LYS D 219 56.11 8.35 41.55
N VAL D 220 55.58 7.13 41.66
CA VAL D 220 54.63 6.79 42.72
C VAL D 220 55.44 6.02 43.77
N GLU D 221 55.82 6.71 44.84
CA GLU D 221 56.64 6.04 45.83
C GLU D 221 55.79 5.57 47.02
N PRO D 222 56.10 4.41 47.61
CA PRO D 222 55.37 3.95 48.79
C PRO D 222 55.48 4.90 49.97
N GLN E 1 12.08 15.66 22.97
CA GLN E 1 11.37 14.37 22.71
C GLN E 1 11.45 13.99 21.23
N SER E 2 12.18 12.92 20.94
CA SER E 2 12.34 12.47 19.57
C SER E 2 10.98 12.08 18.97
N VAL E 3 10.83 12.28 17.66
CA VAL E 3 9.57 11.96 17.01
C VAL E 3 9.28 10.47 17.07
N LEU E 4 10.29 9.64 16.86
CA LEU E 4 10.15 8.20 16.89
C LEU E 4 10.59 7.66 18.25
N THR E 5 9.80 6.73 18.78
CA THR E 5 10.01 6.19 20.11
C THR E 5 10.58 4.78 20.02
N GLN E 6 11.57 4.49 20.85
CA GLN E 6 12.20 3.19 20.93
C GLN E 6 12.38 2.81 22.38
N PRO E 7 12.54 1.54 22.68
CA PRO E 7 12.89 1.14 24.05
C PRO E 7 14.30 1.61 24.39
N PRO E 8 14.50 2.17 25.59
CA PRO E 8 15.86 2.64 25.93
C PRO E 8 16.89 1.52 25.92
N SER E 9 16.50 0.29 26.23
CA SER E 9 17.45 -0.82 26.27
C SER E 9 16.71 -2.13 26.07
N VAL E 10 17.36 -3.06 25.38
CA VAL E 10 16.91 -4.44 25.27
C VAL E 10 18.12 -5.34 25.48
N SER E 11 17.86 -6.53 26.03
CA SER E 11 18.93 -7.44 26.40
C SER E 11 18.53 -8.87 26.03
N GLY E 12 19.54 -9.65 25.65
CA GLY E 12 19.34 -11.06 25.35
C GLY E 12 20.63 -11.82 25.48
N ALA E 13 20.50 -13.13 25.70
CA ALA E 13 21.65 -14.00 25.80
C ALA E 13 22.08 -14.51 24.43
N PRO E 14 23.32 -14.96 24.29
CA PRO E 14 23.78 -15.41 22.97
C PRO E 14 22.84 -16.45 22.38
N GLY E 15 22.61 -16.34 21.07
CA GLY E 15 21.72 -17.22 20.36
C GLY E 15 20.24 -16.91 20.49
N GLN E 16 19.89 -15.89 21.28
CA GLN E 16 18.49 -15.52 21.49
C GLN E 16 18.04 -14.49 20.46
N ARG E 17 16.73 -14.43 20.26
CA ARG E 17 16.11 -13.45 19.38
C ARG E 17 15.82 -12.17 20.15
N VAL E 18 16.19 -11.03 19.57
CA VAL E 18 15.91 -9.74 20.16
C VAL E 18 15.03 -8.95 19.21
N THR E 19 14.13 -8.15 19.77
CA THR E 19 13.20 -7.34 19.00
C THR E 19 13.28 -5.90 19.49
N ILE E 20 13.53 -4.99 18.56
CA ILE E 20 13.55 -3.56 18.84
C ILE E 20 12.40 -2.91 18.08
N SER E 21 11.61 -2.09 18.77
CA SER E 21 10.42 -1.48 18.19
C SER E 21 10.69 -0.01 17.86
N CYS E 22 9.83 0.55 17.01
CA CYS E 22 9.95 1.94 16.59
C CYS E 22 8.55 2.44 16.20
N THR E 23 7.94 3.25 17.07
CA THR E 23 6.56 3.68 16.87
C THR E 23 6.51 5.19 16.68
N GLY E 24 5.57 5.64 15.87
CA GLY E 24 5.39 7.06 15.61
C GLY E 24 3.93 7.38 15.37
N GLY E 25 3.68 8.37 14.52
CA GLY E 25 2.32 8.76 14.18
C GLY E 25 2.02 8.61 12.70
N ASN E 26 0.89 9.16 12.26
CA ASN E 26 0.51 9.07 10.85
C ASN E 26 1.31 10.01 9.96
N SER E 27 2.07 10.93 10.54
CA SER E 27 2.90 11.83 9.75
C SER E 27 4.25 11.21 9.39
N ASN E 28 4.65 10.11 10.02
CA ASN E 28 5.93 9.48 9.72
C ASN E 28 5.74 8.02 9.34
N ILE E 29 5.67 7.12 10.32
CA ILE E 29 5.60 5.69 10.00
C ILE E 29 4.30 5.38 9.26
N GLY E 30 3.19 5.94 9.71
CA GLY E 30 1.98 5.92 8.92
C GLY E 30 2.11 6.83 7.72
N ALA E 31 1.19 6.65 6.78
CA ALA E 31 1.12 7.45 5.55
C ALA E 31 2.22 7.07 4.56
N GLY E 32 2.70 5.83 4.63
CA GLY E 32 3.54 5.29 3.58
C GLY E 32 5.03 5.31 3.83
N TYR E 33 5.52 6.39 4.45
CA TYR E 33 6.96 6.57 4.59
C TYR E 33 7.58 5.44 5.41
N HIS E 34 8.74 4.98 4.96
CA HIS E 34 9.35 3.76 5.47
C HIS E 34 10.19 4.05 6.71
N VAL E 35 10.78 3.00 7.28
CA VAL E 35 11.58 3.08 8.49
C VAL E 35 12.91 2.39 8.23
N HIS E 36 14.00 3.15 8.34
CA HIS E 36 15.35 2.62 8.19
C HIS E 36 15.94 2.31 9.56
N TRP E 37 16.91 1.39 9.59
CA TRP E 37 17.58 0.98 10.82
C TRP E 37 19.09 1.03 10.64
N TYR E 38 19.77 1.67 11.59
CA TYR E 38 21.22 1.83 11.60
C TYR E 38 21.81 1.25 12.88
N GLN E 39 22.97 0.61 12.75
CA GLN E 39 23.72 0.06 13.86
C GLN E 39 24.93 0.95 14.15
N GLN E 40 25.18 1.21 15.44
CA GLN E 40 26.30 2.05 15.87
C GLN E 40 27.08 1.32 16.96
N LEU E 41 28.31 0.93 16.65
CA LEU E 41 29.20 0.34 17.61
C LEU E 41 29.91 1.43 18.42
N PRO E 42 30.48 1.09 19.59
CA PRO E 42 31.10 2.10 20.44
C PRO E 42 32.05 3.04 19.70
N GLY E 43 31.71 4.32 19.67
CA GLY E 43 32.53 5.34 19.04
C GLY E 43 32.48 5.34 17.52
N ALA E 44 32.14 4.21 16.92
CA ALA E 44 32.13 4.11 15.46
C ALA E 44 30.95 4.88 14.89
N ALA E 45 31.00 5.11 13.58
CA ALA E 45 29.92 5.81 12.90
C ALA E 45 28.77 4.84 12.61
N PRO E 46 27.54 5.34 12.55
CA PRO E 46 26.42 4.47 12.19
C PRO E 46 26.66 3.77 10.85
N LYS E 47 26.11 2.56 10.75
CA LYS E 47 26.15 1.75 9.55
C LYS E 47 24.72 1.39 9.20
N LEU E 48 24.41 1.31 7.91
CA LEU E 48 23.05 1.00 7.49
C LEU E 48 22.80 -0.51 7.58
N LEU E 49 21.90 -0.90 8.48
CA LEU E 49 21.47 -2.30 8.59
C LEU E 49 20.29 -2.58 7.68
N ILE E 50 19.19 -1.84 7.85
CA ILE E 50 17.96 -2.08 7.09
C ILE E 50 17.55 -0.78 6.42
N TYR E 51 17.09 -0.88 5.17
CA TYR E 51 16.50 0.24 4.46
C TYR E 51 15.16 -0.19 3.88
N GLY E 52 14.22 0.75 3.84
CA GLY E 52 12.92 0.48 3.26
C GLY E 52 12.14 -0.62 3.96
N ASP E 53 12.11 -0.57 5.30
CA ASP E 53 11.35 -1.49 6.13
C ASP E 53 12.03 -2.84 6.31
N THR E 54 12.32 -3.53 5.21
CA THR E 54 12.75 -4.93 5.28
C THR E 54 14.06 -5.18 4.54
N ASN E 55 14.33 -4.41 3.49
CA ASN E 55 15.47 -4.69 2.63
C ASN E 55 16.78 -4.53 3.39
N ARG E 56 17.79 -5.30 2.98
CA ARG E 56 19.10 -5.25 3.58
C ARG E 56 20.14 -4.86 2.54
N PRO E 57 21.07 -3.95 2.88
CA PRO E 57 22.18 -3.68 1.96
C PRO E 57 23.07 -4.90 1.81
N SER E 58 23.82 -4.93 0.72
CA SER E 58 24.76 -6.01 0.50
C SER E 58 25.80 -6.03 1.63
N GLY E 59 25.99 -7.21 2.22
CA GLY E 59 26.93 -7.36 3.31
C GLY E 59 26.28 -7.63 4.65
N VAL E 60 25.17 -6.95 4.93
CA VAL E 60 24.52 -7.15 6.22
C VAL E 60 24.11 -8.61 6.36
N PRO E 61 24.44 -9.29 7.46
CA PRO E 61 24.02 -10.69 7.60
C PRO E 61 22.50 -10.81 7.56
N ASP E 62 22.03 -11.96 7.08
CA ASP E 62 20.60 -12.26 7.09
C ASP E 62 20.04 -12.47 8.49
N ARG E 63 20.89 -12.41 9.53
CA ARG E 63 20.38 -12.54 10.89
C ARG E 63 19.52 -11.36 11.29
N PHE E 64 19.79 -10.19 10.72
CA PHE E 64 18.95 -9.01 10.93
C PHE E 64 17.79 -9.02 9.95
N SER E 65 16.61 -8.61 10.41
CA SER E 65 15.47 -8.49 9.53
C SER E 65 14.55 -7.40 10.07
N GLY E 66 13.65 -6.92 9.21
CA GLY E 66 12.78 -5.82 9.58
C GLY E 66 11.36 -6.10 9.15
N SER E 67 10.44 -5.41 9.81
CA SER E 67 9.03 -5.44 9.45
C SER E 67 8.39 -4.10 9.79
N GLN E 68 7.26 -3.82 9.13
CA GLN E 68 6.54 -2.57 9.34
C GLN E 68 5.05 -2.88 9.28
N SER E 69 4.30 -2.43 10.27
CA SER E 69 2.86 -2.64 10.30
C SER E 69 2.20 -1.43 10.93
N GLY E 70 1.21 -0.87 10.24
CA GLY E 70 0.53 0.30 10.77
C GLY E 70 1.53 1.43 11.02
N THR E 71 1.51 1.95 12.24
CA THR E 71 2.43 3.01 12.66
C THR E 71 3.59 2.47 13.48
N SER E 72 3.99 1.22 13.26
CA SER E 72 5.10 0.62 13.98
C SER E 72 6.05 -0.06 13.01
N ALA E 73 7.31 -0.12 13.42
CA ALA E 73 8.33 -0.88 12.72
C ALA E 73 9.10 -1.69 13.76
N SER E 74 9.77 -2.73 13.29
CA SER E 74 10.55 -3.58 14.20
C SER E 74 11.79 -4.09 13.50
N LEU E 75 12.87 -4.20 14.27
CA LEU E 75 14.12 -4.81 13.83
C LEU E 75 14.32 -6.05 14.69
N ALA E 76 14.40 -7.21 14.05
CA ALA E 76 14.61 -8.48 14.74
C ALA E 76 16.04 -8.94 14.49
N ILE E 77 16.72 -9.29 15.58
CA ILE E 77 18.08 -9.82 15.53
C ILE E 77 18.00 -11.26 16.02
N THR E 78 18.06 -12.20 15.08
CA THR E 78 18.05 -13.62 15.40
C THR E 78 19.49 -14.12 15.52
N GLY E 79 19.68 -15.11 16.40
CA GLY E 79 21.01 -15.62 16.66
C GLY E 79 21.93 -14.55 17.18
N LEU E 80 21.51 -13.87 18.25
CA LEU E 80 22.28 -12.77 18.82
C LEU E 80 23.72 -13.20 19.08
N GLN E 81 24.65 -12.34 18.68
CA GLN E 81 26.06 -12.59 18.88
C GLN E 81 26.69 -11.49 19.73
N ALA E 82 27.91 -11.75 20.20
CA ALA E 82 28.59 -10.77 21.04
C ALA E 82 28.89 -9.49 20.28
N ASP E 83 29.06 -9.58 18.96
CA ASP E 83 29.40 -8.41 18.16
C ASP E 83 28.21 -7.48 17.94
N ASP E 84 26.98 -7.95 18.19
CA ASP E 84 25.80 -7.14 17.96
C ASP E 84 25.50 -6.16 19.09
N GLU E 85 26.19 -6.26 20.23
CA GLU E 85 25.96 -5.32 21.31
C GLU E 85 26.26 -3.90 20.83
N ALA E 86 25.23 -3.06 20.73
CA ALA E 86 25.42 -1.75 20.11
C ALA E 86 24.16 -0.89 20.17
N ASP E 87 24.24 0.35 19.72
CA ASP E 87 23.07 1.21 19.64
C ASP E 87 22.38 1.01 18.29
N TYR E 88 21.06 0.99 18.32
CA TYR E 88 20.27 0.80 17.10
C TYR E 88 19.29 1.95 16.97
N TYR E 89 19.33 2.65 15.84
CA TYR E 89 18.51 3.83 15.63
C TYR E 89 17.60 3.60 14.43
N CYS E 90 16.31 3.84 14.62
CA CYS E 90 15.35 3.86 13.52
C CYS E 90 15.12 5.29 13.07
N GLN E 91 15.00 5.46 11.75
CA GLN E 91 14.85 6.77 11.14
C GLN E 91 13.67 6.75 10.18
N SER E 92 12.91 7.84 10.16
CA SER E 92 11.80 7.96 9.23
C SER E 92 11.54 9.43 8.92
N TYR E 93 10.87 9.68 7.80
CA TYR E 93 10.58 11.03 7.34
C TYR E 93 9.25 11.49 7.93
N ASP E 94 9.30 12.59 8.68
CA ASP E 94 8.09 13.25 9.17
C ASP E 94 7.70 14.34 8.18
N ARG E 95 6.46 14.28 7.69
CA ARG E 95 5.97 15.25 6.72
C ARG E 95 5.35 16.46 7.39
N SER E 96 5.06 16.37 8.68
CA SER E 96 4.61 17.55 9.43
C SER E 96 5.78 18.40 9.86
N ARG E 97 6.93 17.79 10.15
CA ARG E 97 8.15 18.52 10.46
C ARG E 97 9.09 18.61 9.26
N GLY E 98 8.81 17.90 8.18
CA GLY E 98 9.62 17.95 6.98
C GLY E 98 11.06 17.52 7.17
N GLY E 99 11.30 16.30 7.66
CA GLY E 99 12.67 15.86 7.86
C GLY E 99 12.83 14.40 8.21
N TRP E 100 13.92 13.77 7.75
CA TRP E 100 14.22 12.38 8.11
C TRP E 100 14.79 12.37 9.53
N PHE E 101 13.92 12.24 10.51
CA PHE E 101 14.29 12.31 11.91
C PHE E 101 14.46 10.91 12.49
N PHE E 102 15.42 10.78 13.41
CA PHE E 102 15.75 9.51 14.05
C PHE E 102 14.88 9.27 15.29
N GLY E 103 15.05 8.08 15.87
CA GLY E 103 14.42 7.73 17.12
C GLY E 103 15.36 7.89 18.31
N GLY E 104 14.81 7.62 19.50
CA GLY E 104 15.60 7.69 20.71
C GLY E 104 16.73 6.68 20.78
N GLY E 105 16.67 5.63 19.97
CA GLY E 105 17.72 4.62 19.98
C GLY E 105 17.50 3.55 21.03
N THR E 106 18.04 2.37 20.76
CA THR E 106 17.92 1.22 21.65
C THR E 106 19.32 0.66 21.88
N GLN E 107 19.72 0.56 23.15
CA GLN E 107 20.99 -0.04 23.52
C GLN E 107 20.78 -1.55 23.64
N LEU E 108 21.35 -2.30 22.70
CA LEU E 108 21.26 -3.75 22.70
C LEU E 108 22.48 -4.33 23.41
N THR E 109 22.23 -5.06 24.50
CA THR E 109 23.27 -5.71 25.29
C THR E 109 23.19 -7.21 25.08
N VAL E 110 24.35 -7.85 24.95
CA VAL E 110 24.47 -9.30 24.91
C VAL E 110 24.95 -9.74 26.28
N LEU E 111 24.21 -10.66 26.89
CA LEU E 111 24.40 -10.97 28.31
C LEU E 111 25.56 -11.95 28.49
N GLY E 112 26.52 -11.58 29.31
CA GLY E 112 27.63 -12.45 29.65
C GLY E 112 27.38 -13.21 30.94
N GLN E 113 27.68 -12.58 32.07
CA GLN E 113 27.45 -13.18 33.38
C GLN E 113 27.74 -12.16 34.47
N PRO E 114 26.98 -12.14 35.57
CA PRO E 114 27.18 -11.11 36.59
C PRO E 114 28.52 -11.27 37.29
N LYS E 115 28.98 -10.18 37.90
CA LYS E 115 30.21 -10.14 38.67
C LYS E 115 30.08 -9.13 39.81
N PRO E 118 31.63 -6.50 42.37
CA PRO E 118 32.61 -5.51 41.90
C PRO E 118 33.86 -5.47 42.76
N SER E 119 34.99 -5.13 42.16
CA SER E 119 36.24 -4.93 42.89
C SER E 119 36.44 -3.43 43.10
N VAL E 120 36.51 -3.02 44.37
CA VAL E 120 36.57 -1.61 44.73
C VAL E 120 37.94 -1.29 45.31
N THR E 121 38.40 -0.06 45.08
CA THR E 121 39.65 0.43 45.65
C THR E 121 39.46 1.90 46.01
N LEU E 122 39.73 2.25 47.27
CA LEU E 122 39.59 3.62 47.75
C LEU E 122 40.97 4.17 48.07
N PHE E 123 41.35 5.27 47.39
CA PHE E 123 42.57 6.02 47.63
C PHE E 123 42.26 7.30 48.40
N PRO E 124 43.03 7.63 49.43
CA PRO E 124 42.84 8.90 50.13
C PRO E 124 43.54 10.03 49.40
N PRO E 125 43.39 11.27 49.86
CA PRO E 125 44.09 12.38 49.21
C PRO E 125 45.59 12.27 49.35
N SER E 126 46.30 12.75 48.33
CA SER E 126 47.75 12.77 48.36
C SER E 126 48.27 13.87 49.28
N SER E 127 49.41 13.61 49.91
CA SER E 127 50.05 14.64 50.74
C SER E 127 50.35 15.89 49.91
N GLU E 128 50.84 15.70 48.68
CA GLU E 128 51.11 16.85 47.82
C GLU E 128 49.82 17.62 47.54
N GLU E 129 48.72 16.91 47.33
CA GLU E 129 47.44 17.56 47.07
C GLU E 129 47.02 18.40 48.27
N LEU E 130 47.12 17.84 49.48
CA LEU E 130 46.83 18.60 50.68
C LEU E 130 47.74 19.83 50.79
N GLN E 131 48.99 19.70 50.32
CA GLN E 131 49.87 20.86 50.30
C GLN E 131 49.44 21.88 49.26
N ALA E 132 48.68 21.47 48.25
CA ALA E 132 48.03 22.39 47.33
C ALA E 132 46.69 22.92 47.86
N ASN E 133 46.43 22.73 49.15
CA ASN E 133 45.16 23.11 49.77
C ASN E 133 43.98 22.49 49.01
N LYS E 134 44.10 21.21 48.72
CA LYS E 134 43.06 20.46 48.03
C LYS E 134 43.09 19.02 48.51
N ALA E 135 41.93 18.35 48.44
CA ALA E 135 41.83 16.95 48.84
C ALA E 135 40.86 16.25 47.92
N THR E 136 41.22 15.04 47.49
CA THR E 136 40.38 14.25 46.61
C THR E 136 40.46 12.79 47.02
N LEU E 137 39.34 12.24 47.46
CA LEU E 137 39.20 10.81 47.70
C LEU E 137 38.72 10.14 46.43
N VAL E 138 39.35 9.03 46.05
CA VAL E 138 39.08 8.37 44.77
C VAL E 138 38.57 6.96 45.04
N CYS E 139 37.40 6.64 44.50
CA CYS E 139 36.77 5.32 44.64
C CYS E 139 36.68 4.71 43.25
N LEU E 140 37.50 3.70 42.98
CA LEU E 140 37.56 3.07 41.66
C LEU E 140 36.90 1.70 41.74
N VAL E 141 35.91 1.48 40.88
CA VAL E 141 35.18 0.23 40.80
C VAL E 141 35.56 -0.43 39.47
N SER E 142 35.81 -1.74 39.50
CA SER E 142 36.20 -2.42 38.28
C SER E 142 35.77 -3.88 38.33
N ASP E 143 35.54 -4.44 37.14
CA ASP E 143 35.27 -5.87 36.96
C ASP E 143 33.89 -6.24 37.52
N PHE E 144 32.87 -5.52 37.08
CA PHE E 144 31.50 -5.77 37.51
C PHE E 144 30.58 -5.76 36.30
N TYR E 145 29.80 -6.82 36.15
CA TYR E 145 28.77 -6.94 35.12
C TYR E 145 27.46 -7.31 35.80
N PRO E 146 26.32 -6.76 35.35
CA PRO E 146 26.12 -5.76 34.28
C PRO E 146 26.60 -4.37 34.69
N GLY E 147 26.18 -3.34 33.95
CA GLY E 147 26.67 -1.99 34.19
C GLY E 147 26.05 -1.33 35.40
N ALA E 148 24.79 -1.66 35.72
CA ALA E 148 24.11 -1.06 36.85
C ALA E 148 25.01 -1.07 38.09
N VAL E 149 25.21 0.10 38.68
CA VAL E 149 26.03 0.22 39.89
C VAL E 149 25.70 1.55 40.54
N THR E 150 25.56 1.53 41.86
CA THR E 150 25.32 2.74 42.65
C THR E 150 26.52 3.01 43.54
N VAL E 151 26.83 4.29 43.73
CA VAL E 151 27.95 4.72 44.55
C VAL E 151 27.43 5.74 45.55
N ALA E 152 27.75 5.50 46.83
CA ALA E 152 27.39 6.42 47.91
C ALA E 152 28.61 6.71 48.75
N TRP E 153 28.65 7.91 49.31
CA TRP E 153 29.76 8.34 50.15
C TRP E 153 29.25 8.60 51.57
N LYS E 154 30.12 8.39 52.55
CA LYS E 154 29.79 8.64 53.94
C LYS E 154 31.00 9.22 54.66
N ALA E 155 30.78 10.31 55.39
CA ALA E 155 31.80 10.91 56.24
C ALA E 155 31.38 10.71 57.68
N ASP E 156 32.15 9.91 58.42
CA ASP E 156 31.83 9.55 59.80
C ASP E 156 30.43 8.96 59.89
N GLY E 157 30.05 8.18 58.87
CA GLY E 157 28.77 7.50 58.84
C GLY E 157 27.62 8.33 58.32
N SER E 158 27.81 9.63 58.12
CA SER E 158 26.75 10.50 57.60
C SER E 158 26.86 10.60 56.08
N PRO E 159 25.75 10.56 55.34
CA PRO E 159 25.85 10.65 53.88
C PRO E 159 26.57 11.92 53.46
N VAL E 160 27.35 11.80 52.39
CA VAL E 160 28.09 12.91 51.81
C VAL E 160 27.37 13.35 50.55
N LYS E 161 27.05 14.65 50.47
CA LYS E 161 26.24 15.18 49.38
C LYS E 161 26.93 16.27 48.57
N VAL E 162 27.98 16.91 49.08
CA VAL E 162 28.69 17.96 48.37
C VAL E 162 30.00 17.41 47.81
N GLY E 163 30.30 17.76 46.56
CA GLY E 163 31.58 17.42 45.98
C GLY E 163 31.73 16.00 45.51
N VAL E 164 30.65 15.36 45.06
CA VAL E 164 30.71 13.98 44.58
C VAL E 164 30.54 14.01 43.07
N GLU E 165 31.49 13.42 42.35
CA GLU E 165 31.44 13.32 40.90
C GLU E 165 31.70 11.88 40.52
N THR E 166 30.71 11.24 39.89
CA THR E 166 30.83 9.84 39.49
C THR E 166 30.64 9.75 37.98
N THR E 167 31.24 8.72 37.40
CA THR E 167 31.21 8.49 35.96
C THR E 167 30.18 7.43 35.62
N LYS E 168 29.76 7.44 34.37
CA LYS E 168 28.86 6.40 33.89
C LYS E 168 29.68 5.14 33.59
N PRO E 169 29.21 3.96 34.03
CA PRO E 169 30.03 2.76 33.83
C PRO E 169 30.47 2.58 32.38
N SER E 170 31.77 2.52 32.17
CA SER E 170 32.34 2.31 30.85
C SER E 170 32.72 0.85 30.70
N LYS E 171 32.84 0.41 29.45
CA LYS E 171 33.14 -0.99 29.16
C LYS E 171 34.64 -1.22 29.18
N GLN E 172 35.07 -2.22 29.94
CA GLN E 172 36.49 -2.55 30.01
C GLN E 172 36.93 -3.30 28.77
N SER E 173 38.24 -3.49 28.64
CA SER E 173 38.78 -4.29 27.55
C SER E 173 38.44 -5.76 27.70
N ASN E 174 37.98 -6.20 28.89
CA ASN E 174 37.58 -7.57 29.13
C ASN E 174 36.06 -7.72 29.24
N ASN E 175 35.30 -6.75 28.76
CA ASN E 175 33.84 -6.82 28.70
C ASN E 175 33.20 -6.88 30.08
N LYS E 176 33.84 -6.31 31.12
CA LYS E 176 33.28 -6.35 32.46
C LYS E 176 32.92 -4.98 33.06
N TYR E 177 33.20 -3.88 32.37
CA TYR E 177 32.86 -2.54 32.83
C TYR E 177 33.65 -2.06 34.04
N ALA E 178 33.82 -0.73 34.16
CA ALA E 178 34.46 -0.09 35.30
C ALA E 178 33.83 1.28 35.50
N ALA E 179 34.11 1.89 36.65
CA ALA E 179 33.57 3.19 36.99
C ALA E 179 34.49 3.86 38.01
N SER E 180 34.31 5.16 38.17
CA SER E 180 35.16 5.93 39.08
C SER E 180 34.33 7.04 39.72
N SER E 181 34.57 7.29 41.00
CA SER E 181 33.89 8.33 41.75
C SER E 181 34.93 9.13 42.54
N TYR E 182 34.64 10.42 42.72
CA TYR E 182 35.55 11.33 43.39
C TYR E 182 34.79 12.16 44.40
N LEU E 183 35.38 12.30 45.59
CA LEU E 183 34.91 13.20 46.62
C LEU E 183 35.96 14.30 46.78
N SER E 184 35.59 15.52 46.41
CA SER E 184 36.47 16.67 46.49
C SER E 184 36.20 17.41 47.80
N LEU E 185 37.25 17.67 48.56
CA LEU E 185 37.14 18.31 49.86
C LEU E 185 38.29 19.29 50.03
N THR E 186 38.14 20.15 51.00
CA THR E 186 39.23 21.00 51.45
C THR E 186 40.03 20.26 52.51
N PRO E 187 41.34 20.52 52.61
CA PRO E 187 42.13 19.81 53.64
C PRO E 187 41.49 19.88 55.02
N GLU E 188 40.86 21.01 55.35
CA GLU E 188 40.24 21.14 56.67
C GLU E 188 39.07 20.19 56.84
N GLN E 189 38.21 20.07 55.81
CA GLN E 189 37.14 19.07 55.87
C GLN E 189 37.72 17.67 56.02
N TRP E 190 38.71 17.33 55.20
CA TRP E 190 39.26 15.98 55.21
C TRP E 190 39.86 15.64 56.57
N LYS E 191 40.55 16.59 57.20
CA LYS E 191 41.13 16.33 58.51
C LYS E 191 40.12 16.43 59.65
N SER E 192 38.99 17.09 59.43
CA SER E 192 38.03 17.33 60.50
C SER E 192 37.18 16.12 60.85
N HIS E 193 37.16 15.09 60.00
CA HIS E 193 36.46 13.85 60.27
C HIS E 193 37.47 12.74 60.56
N ARG E 194 36.96 11.63 61.08
CA ARG E 194 37.82 10.50 61.45
C ARG E 194 37.82 9.38 60.42
N SER E 195 36.84 9.35 59.52
CA SER E 195 36.79 8.29 58.52
C SER E 195 35.88 8.73 57.38
N TYR E 196 36.24 8.32 56.17
CA TYR E 196 35.38 8.44 55.00
C TYR E 196 35.27 7.06 54.36
N SER E 197 34.14 6.81 53.72
CA SER E 197 33.92 5.51 53.09
C SER E 197 33.09 5.68 51.82
N CYS E 198 33.43 4.89 50.80
CA CYS E 198 32.60 4.76 49.61
C CYS E 198 32.00 3.37 49.58
N ARG E 199 30.70 3.32 49.33
CA ARG E 199 29.92 2.08 49.30
C ARG E 199 29.39 1.90 47.88
N VAL E 200 29.70 0.76 47.29
CA VAL E 200 29.34 0.45 45.90
C VAL E 200 28.33 -0.69 45.94
N THR E 201 27.10 -0.40 45.51
CA THR E 201 26.03 -1.39 45.46
C THR E 201 25.88 -1.89 44.03
N HIS E 202 25.75 -3.21 43.89
CA HIS E 202 25.63 -3.85 42.59
C HIS E 202 24.79 -5.11 42.76
N GLU E 203 23.64 -5.15 42.09
CA GLU E 203 22.75 -6.29 42.14
C GLU E 203 22.52 -6.75 43.58
N GLY E 204 22.25 -5.79 44.46
CA GLY E 204 21.92 -6.07 45.83
C GLY E 204 23.09 -6.35 46.75
N SER E 205 24.30 -6.50 46.23
CA SER E 205 25.48 -6.75 47.05
C SER E 205 26.30 -5.48 47.14
N THR E 206 26.71 -5.12 48.36
CA THR E 206 27.41 -3.87 48.62
C THR E 206 28.83 -4.13 49.08
N VAL E 207 29.78 -3.45 48.45
CA VAL E 207 31.19 -3.50 48.81
C VAL E 207 31.56 -2.12 49.36
N GLU E 208 32.10 -2.07 50.57
CA GLU E 208 32.48 -0.82 51.21
C GLU E 208 33.98 -0.73 51.38
N LYS E 209 34.54 0.44 51.08
CA LYS E 209 35.95 0.71 51.31
C LYS E 209 36.08 2.00 52.11
N THR E 210 36.98 2.00 53.09
CA THR E 210 37.09 3.08 54.04
C THR E 210 38.54 3.56 54.15
N VAL E 211 38.69 4.87 54.38
CA VAL E 211 39.98 5.52 54.61
C VAL E 211 39.83 6.43 55.82
N ALA E 212 40.97 6.72 56.46
CA ALA E 212 40.98 7.58 57.64
C ALA E 212 42.12 8.57 57.53
N PRO E 213 41.92 9.83 57.98
CA PRO E 213 43.01 10.81 57.92
C PRO E 213 44.20 10.44 58.77
N ALA E 214 44.01 10.32 60.09
CA ALA E 214 45.12 10.01 60.99
C ALA E 214 45.88 8.78 60.54
N GLU E 215 45.19 7.84 59.90
CA GLU E 215 45.87 6.67 59.32
C GLU E 215 46.88 7.10 58.28
N VAL F 1 19.94 -0.45 -4.83
CA VAL F 1 18.45 -0.52 -4.89
C VAL F 1 18.03 -0.79 -6.35
N PRO F 2 17.09 -1.71 -6.56
CA PRO F 2 16.61 -1.95 -7.93
C PRO F 2 15.67 -0.85 -8.40
N ILE F 3 15.73 -0.58 -9.71
CA ILE F 3 14.89 0.45 -10.29
C ILE F 3 13.41 0.08 -10.21
N GLN F 4 13.11 -1.23 -10.23
CA GLN F 4 11.72 -1.64 -10.12
C GLN F 4 11.10 -1.15 -8.82
N LYS F 5 11.84 -1.24 -7.71
CA LYS F 5 11.32 -0.75 -6.44
C LYS F 5 11.23 0.78 -6.43
N VAL F 6 12.10 1.47 -7.17
CA VAL F 6 11.96 2.91 -7.27
C VAL F 6 10.64 3.28 -7.95
N GLN F 7 10.35 2.62 -9.07
CA GLN F 7 9.08 2.87 -9.75
C GLN F 7 7.89 2.51 -8.86
N ASP F 8 7.96 1.36 -8.18
CA ASP F 8 6.88 0.92 -7.31
C ASP F 8 6.63 1.93 -6.19
N ASP F 9 7.70 2.41 -5.56
CA ASP F 9 7.56 3.35 -4.45
C ASP F 9 7.07 4.71 -4.95
N THR F 10 7.46 5.09 -6.17
CA THR F 10 6.93 6.33 -6.74
C THR F 10 5.42 6.23 -6.94
N LYS F 11 4.96 5.11 -7.51
CA LYS F 11 3.52 4.91 -7.69
C LYS F 11 2.81 4.91 -6.34
N THR F 12 3.40 4.26 -5.33
CA THR F 12 2.77 4.20 -4.02
C THR F 12 2.67 5.59 -3.39
N LEU F 13 3.73 6.38 -3.47
CA LEU F 13 3.69 7.74 -2.94
C LEU F 13 2.67 8.59 -3.66
N ILE F 14 2.56 8.43 -4.99
CA ILE F 14 1.54 9.17 -5.74
C ILE F 14 0.16 8.82 -5.22
N LYS F 15 -0.12 7.52 -5.07
CA LYS F 15 -1.43 7.12 -4.57
C LYS F 15 -1.68 7.67 -3.17
N THR F 16 -0.64 7.68 -2.32
CA THR F 16 -0.78 8.25 -1.00
C THR F 16 -1.21 9.71 -1.07
N ILE F 17 -0.53 10.49 -1.91
CA ILE F 17 -0.85 11.92 -2.02
C ILE F 17 -2.26 12.11 -2.56
N VAL F 18 -2.65 11.29 -3.54
CA VAL F 18 -3.97 11.43 -4.14
C VAL F 18 -5.06 11.15 -3.12
N THR F 19 -4.89 10.07 -2.35
CA THR F 19 -5.89 9.75 -1.32
C THR F 19 -5.91 10.81 -0.22
N ARG F 20 -4.75 11.39 0.11
CA ARG F 20 -4.72 12.45 1.09
C ARG F 20 -5.48 13.68 0.60
N ILE F 21 -5.32 14.01 -0.68
CA ILE F 21 -6.06 15.12 -1.26
C ILE F 21 -7.56 14.84 -1.25
N ASN F 22 -7.96 13.61 -1.57
CA ASN F 22 -9.37 13.25 -1.47
C ASN F 22 -9.90 13.44 -0.05
N ASP F 23 -9.12 13.02 0.95
CA ASP F 23 -9.59 13.08 2.32
C ASP F 23 -9.80 14.51 2.82
N ILE F 24 -9.01 15.46 2.30
CA ILE F 24 -9.12 16.85 2.75
C ILE F 24 -10.49 17.46 2.46
N SER F 25 -11.22 16.94 1.48
CA SER F 25 -12.54 17.45 1.17
C SER F 25 -13.60 16.84 2.08
N LEU F 49 4.22 12.61 -21.39
CA LEU F 49 5.06 13.54 -20.66
C LEU F 49 6.29 12.83 -20.09
N THR F 50 7.45 13.42 -20.32
CA THR F 50 8.71 12.89 -19.82
C THR F 50 8.89 13.22 -18.34
N LEU F 51 9.94 12.66 -17.74
CA LEU F 51 10.24 12.90 -16.34
C LEU F 51 10.51 14.38 -16.08
N SER F 52 11.15 15.06 -17.03
CA SER F 52 11.47 16.47 -16.84
C SER F 52 10.22 17.32 -16.72
N LYS F 53 9.23 17.07 -17.58
CA LYS F 53 7.99 17.84 -17.51
C LYS F 53 7.21 17.51 -16.24
N MET F 54 7.27 16.27 -15.76
CA MET F 54 6.64 15.94 -14.49
C MET F 54 7.31 16.72 -13.34
N ASP F 55 8.64 16.73 -13.32
CA ASP F 55 9.36 17.47 -12.30
C ASP F 55 9.01 18.96 -12.35
N GLN F 56 8.89 19.50 -13.57
CA GLN F 56 8.52 20.91 -13.72
C GLN F 56 7.11 21.16 -13.18
N THR F 57 6.17 20.28 -13.50
CA THR F 57 4.82 20.40 -12.98
C THR F 57 4.81 20.39 -11.46
N LEU F 58 5.58 19.48 -10.86
CA LEU F 58 5.60 19.38 -9.41
C LEU F 58 6.27 20.60 -8.78
N ALA F 59 7.29 21.16 -9.42
CA ALA F 59 7.87 22.40 -8.92
C ALA F 59 6.84 23.53 -8.93
N VAL F 60 6.07 23.64 -10.01
CA VAL F 60 5.03 24.67 -10.07
C VAL F 60 4.00 24.45 -8.97
N TYR F 61 3.58 23.20 -8.78
CA TYR F 61 2.59 22.93 -7.74
C TYR F 61 3.13 23.21 -6.35
N GLN F 62 4.42 22.96 -6.12
CA GLN F 62 5.03 23.32 -4.85
C GLN F 62 4.97 24.82 -4.64
N GLN F 63 5.34 25.59 -5.67
CA GLN F 63 5.29 27.04 -5.53
C GLN F 63 3.88 27.51 -5.23
N ILE F 64 2.88 26.90 -5.86
CA ILE F 64 1.49 27.27 -5.57
C ILE F 64 1.13 26.94 -4.14
N LEU F 65 1.41 25.70 -3.72
CA LEU F 65 0.99 25.24 -2.39
C LEU F 65 1.67 26.02 -1.28
N THR F 66 2.90 26.51 -1.51
CA THR F 66 3.58 27.26 -0.46
C THR F 66 2.93 28.61 -0.20
N SER F 67 2.15 29.13 -1.14
CA SER F 67 1.53 30.45 -0.99
C SER F 67 0.17 30.40 -0.29
N MET F 68 -0.41 29.22 -0.12
CA MET F 68 -1.73 29.06 0.52
C MET F 68 -1.65 28.00 1.60
N PRO F 69 -0.83 28.22 2.63
CA PRO F 69 -0.54 27.16 3.61
C PRO F 69 -1.67 27.03 4.63
N SER F 70 -2.20 25.82 4.75
CA SER F 70 -3.16 25.48 5.81
C SER F 70 -2.72 24.21 6.52
N ARG F 71 -1.41 24.01 6.65
CA ARG F 71 -0.80 22.87 7.33
C ARG F 71 -0.90 21.62 6.47
N ASN F 72 -2.12 21.21 6.10
CA ASN F 72 -2.25 20.06 5.21
C ASN F 72 -1.58 20.34 3.86
N VAL F 73 -1.61 21.59 3.43
CA VAL F 73 -1.00 21.96 2.16
C VAL F 73 0.52 21.95 2.27
N ILE F 74 1.06 22.44 3.39
CA ILE F 74 2.49 22.36 3.65
C ILE F 74 2.96 20.91 3.58
N GLN F 75 2.23 20.01 4.23
CA GLN F 75 2.60 18.60 4.22
C GLN F 75 2.50 18.02 2.82
N ILE F 76 1.49 18.42 2.05
CA ILE F 76 1.41 17.92 0.67
C ILE F 76 2.60 18.44 -0.14
N SER F 77 3.07 19.65 0.17
CA SER F 77 4.24 20.19 -0.54
C SER F 77 5.49 19.36 -0.23
N ASN F 78 5.66 18.97 1.04
CA ASN F 78 6.79 18.10 1.38
C ASN F 78 6.65 16.74 0.67
N ASP F 79 5.43 16.21 0.60
CA ASP F 79 5.21 14.96 -0.13
C ASP F 79 5.62 15.11 -1.59
N LEU F 80 5.29 16.25 -2.20
CA LEU F 80 5.72 16.51 -3.57
C LEU F 80 7.23 16.63 -3.68
N GLU F 81 7.88 17.17 -2.64
CA GLU F 81 9.34 17.22 -2.63
C GLU F 81 9.92 15.81 -2.71
N ASN F 82 9.42 14.91 -1.87
CA ASN F 82 9.87 13.51 -1.91
C ASN F 82 9.60 12.89 -3.28
N LEU F 83 8.43 13.16 -3.85
CA LEU F 83 8.12 12.60 -5.17
C LEU F 83 9.08 13.11 -6.22
N ARG F 84 9.48 14.38 -6.13
CA ARG F 84 10.47 14.91 -7.07
C ARG F 84 11.82 14.23 -6.89
N ASP F 85 12.23 14.01 -5.64
CA ASP F 85 13.45 13.25 -5.39
C ASP F 85 13.39 11.88 -6.07
N LEU F 86 12.24 11.20 -5.97
CA LEU F 86 12.11 9.89 -6.61
C LEU F 86 12.17 9.99 -8.13
N LEU F 87 11.51 11.00 -8.70
CA LEU F 87 11.60 11.23 -10.14
C LEU F 87 13.05 11.35 -10.57
N HIS F 88 13.85 12.11 -9.81
CA HIS F 88 15.25 12.28 -10.18
C HIS F 88 16.05 11.00 -9.96
N VAL F 89 15.70 10.22 -8.95
CA VAL F 89 16.31 8.89 -8.81
C VAL F 89 16.10 8.08 -10.09
N LEU F 90 14.86 8.06 -10.59
CA LEU F 90 14.58 7.35 -11.83
C LEU F 90 15.42 7.91 -12.97
N ALA F 91 15.38 9.23 -13.17
CA ALA F 91 16.12 9.85 -14.26
C ALA F 91 17.59 9.47 -14.22
N PHE F 92 18.21 9.59 -13.05
CA PHE F 92 19.64 9.28 -12.93
C PHE F 92 19.91 7.79 -13.11
N SER F 93 18.94 6.93 -12.75
CA SER F 93 19.08 5.51 -13.03
C SER F 93 18.97 5.23 -14.52
N LYS F 94 18.37 6.15 -15.30
CA LYS F 94 18.26 6.00 -16.73
C LYS F 94 19.39 6.71 -17.48
N SER F 95 20.46 7.09 -16.79
CA SER F 95 21.64 7.68 -17.40
C SER F 95 21.28 8.91 -18.25
N CYS F 96 20.68 9.89 -17.58
CA CYS F 96 20.32 11.15 -18.24
C CYS F 96 20.20 12.22 -17.16
N HIS F 97 20.80 13.38 -17.43
CA HIS F 97 20.89 14.46 -16.45
C HIS F 97 19.69 15.39 -16.56
N LEU F 98 19.29 15.95 -15.43
CA LEU F 98 18.20 16.92 -15.39
C LEU F 98 18.44 17.88 -14.24
N PRO F 99 17.80 19.05 -14.25
CA PRO F 99 18.00 20.02 -13.17
C PRO F 99 16.77 20.19 -12.31
N GLU F 100 16.93 20.70 -11.08
CA GLU F 100 15.78 20.99 -10.24
C GLU F 100 15.00 22.13 -10.89
N ALA F 101 13.88 21.82 -11.52
CA ALA F 101 13.07 22.82 -12.19
C ALA F 101 12.61 23.90 -11.22
N SER F 102 12.76 25.17 -11.62
CA SER F 102 12.29 26.27 -10.79
C SER F 102 10.78 26.22 -10.61
N GLY F 103 10.04 25.98 -11.69
CA GLY F 103 8.60 26.03 -11.67
C GLY F 103 8.06 27.13 -12.56
N LEU F 104 7.77 28.30 -11.98
CA LEU F 104 7.24 29.42 -12.73
C LEU F 104 8.37 30.37 -13.11
N GLU F 105 8.08 31.28 -14.03
CA GLU F 105 9.01 32.34 -14.38
C GLU F 105 8.74 33.64 -13.63
N THR F 106 7.50 33.87 -13.23
CA THR F 106 7.10 35.07 -12.49
C THR F 106 7.72 36.33 -13.09
N GLY F 118 -16.44 28.70 -9.36
CA GLY F 118 -15.82 29.59 -8.38
C GLY F 118 -15.69 28.95 -7.01
N TYR F 119 -14.54 28.31 -6.78
CA TYR F 119 -14.26 27.58 -5.55
C TYR F 119 -13.09 28.21 -4.81
N SER F 120 -12.78 27.64 -3.65
CA SER F 120 -11.59 28.03 -2.91
C SER F 120 -10.36 27.87 -3.81
N THR F 121 -9.45 28.83 -3.73
CA THR F 121 -8.18 28.68 -4.45
C THR F 121 -7.55 27.34 -4.13
N GLU F 122 -7.56 26.96 -2.84
CA GLU F 122 -6.96 25.70 -2.42
C GLU F 122 -7.63 24.52 -3.11
N VAL F 123 -8.96 24.56 -3.25
CA VAL F 123 -9.68 23.44 -3.85
C VAL F 123 -9.30 23.26 -5.31
N VAL F 124 -9.29 24.36 -6.07
CA VAL F 124 -8.95 24.26 -7.49
C VAL F 124 -7.51 23.81 -7.65
N ALA F 125 -6.61 24.36 -6.84
CA ALA F 125 -5.21 23.97 -6.91
C ALA F 125 -5.04 22.48 -6.64
N LEU F 126 -5.63 21.99 -5.54
CA LEU F 126 -5.49 20.58 -5.19
C LEU F 126 -6.17 19.67 -6.20
N SER F 127 -7.24 20.13 -6.85
CA SER F 127 -7.87 19.31 -7.87
C SER F 127 -7.00 19.19 -9.11
N ARG F 128 -6.44 20.32 -9.57
CA ARG F 128 -5.49 20.25 -10.67
C ARG F 128 -4.31 19.35 -10.33
N LEU F 129 -3.84 19.42 -9.08
CA LEU F 129 -2.73 18.57 -8.66
C LEU F 129 -3.13 17.09 -8.66
N GLN F 130 -4.33 16.79 -8.19
CA GLN F 130 -4.81 15.41 -8.21
C GLN F 130 -4.88 14.90 -9.65
N GLY F 131 -5.37 15.73 -10.57
CA GLY F 131 -5.42 15.32 -11.96
C GLY F 131 -4.04 15.08 -12.55
N SER F 132 -3.09 15.98 -12.27
CA SER F 132 -1.73 15.81 -12.77
C SER F 132 -1.09 14.54 -12.21
N LEU F 133 -1.30 14.27 -10.92
CA LEU F 133 -0.74 13.05 -10.32
C LEU F 133 -1.37 11.81 -10.94
N GLN F 134 -2.69 11.83 -11.17
CA GLN F 134 -3.35 10.69 -11.78
C GLN F 134 -2.86 10.47 -13.20
N ASP F 135 -2.53 11.54 -13.91
CA ASP F 135 -1.95 11.39 -15.25
C ASP F 135 -0.52 10.86 -15.18
N MET F 136 0.27 11.36 -14.22
CA MET F 136 1.62 10.84 -14.01
C MET F 136 1.60 9.35 -13.73
N LEU F 137 0.58 8.85 -13.05
CA LEU F 137 0.50 7.40 -12.80
C LEU F 137 0.53 6.63 -14.11
N TRP F 138 -0.39 6.96 -15.01
CA TRP F 138 -0.44 6.30 -16.32
C TRP F 138 0.87 6.50 -17.07
N GLN F 139 1.42 7.72 -17.04
CA GLN F 139 2.62 7.99 -17.82
C GLN F 139 3.81 7.18 -17.31
N LEU F 140 3.94 7.06 -15.98
CA LEU F 140 5.04 6.30 -15.38
C LEU F 140 4.89 4.82 -15.63
N ASP F 141 3.65 4.31 -15.73
CA ASP F 141 3.49 2.91 -16.11
C ASP F 141 4.09 2.61 -17.47
N LEU F 142 4.26 3.63 -18.33
CA LEU F 142 4.77 3.46 -19.68
C LEU F 142 6.28 3.63 -19.80
N SER F 143 7.01 3.70 -18.69
CA SER F 143 8.44 3.97 -18.75
C SER F 143 8.70 5.20 -19.60
N PRO F 144 8.38 6.39 -19.10
CA PRO F 144 8.45 7.59 -19.95
C PRO F 144 9.90 8.03 -20.18
N GLY F 145 10.04 9.00 -21.08
CA GLY F 145 11.35 9.49 -21.47
C GLY F 145 12.08 10.23 -20.36
N CYS F 146 13.01 11.10 -20.76
CA CYS F 146 13.79 11.88 -19.82
C CYS F 146 13.74 13.36 -20.21
P PO4 G . 45.46 23.14 40.21
O1 PO4 G . 44.05 23.21 39.52
O2 PO4 G . 45.61 24.37 41.16
O3 PO4 G . 45.53 21.80 41.03
O4 PO4 G . 46.61 23.16 39.15
P PO4 H . 60.92 12.55 29.02
O1 PO4 H . 61.34 13.07 30.44
O2 PO4 H . 61.41 11.06 28.86
O3 PO4 H . 59.37 12.62 28.89
O4 PO4 H . 61.59 13.44 27.91
#